data_3AQC
#
_entry.id   3AQC
#
_cell.length_a   189.803
_cell.length_b   189.803
_cell.length_c   189.803
_cell.angle_alpha   90.00
_cell.angle_beta   90.00
_cell.angle_gamma   90.00
#
_symmetry.space_group_name_H-M   'I 21 3'
#
loop_
_entity.id
_entity.type
_entity.pdbx_description
1 polymer 'Component A of hexaprenyl diphosphate synthase'
2 polymer 'Component B of hexaprenyl diphosphate synthase'
3 non-polymer 'MAGNESIUM ION'
4 non-polymer '(2E,6E)-7,11-dimethyldodeca-2,6,10-trien-1-yl trihydrogen diphosphate'
5 non-polymer 'CHLORIDE ION'
6 water water
#
loop_
_entity_poly.entity_id
_entity_poly.type
_entity_poly.pdbx_seq_one_letter_code
_entity_poly.pdbx_strand_id
1 'polypeptide(L)'
;GSGMMRYLHKIELELNRLTSRYPFFKKIAFDAEIIKLVDDLNVDENVKCAIVAIDTSMRMQDFINEDNKDSFVLSTDVLS
ALFYKYLSQPFYQHDFLVLTDCVSRINELKSIRATITDEIALHNINKQIHYMFIQPYMNNEKVVSYE
;
A,C
2 'polypeptide(L)'
;MIALSYKAFLNPYIIEVEKRLYECIQSDSETINKAAHHILSSGGKRVRPMFVLLSGFLNDTQKDDLIRTAVSLELVHMAS
LVHDDYIDNSDMRRGNTSVHIAFDKDTAIRTGHFLLARALQNIATINNSKFHQIFSKTILEVCFGEFDQMADRFNYPVSF
TAYLRRINRKTAILIEASCHLGALSSQLDEQSTYHIKQFGHCIGMSYQIIDDILDYTSDEATLGKPVGSDIRNGHITYPL
MAAIANLKEQDDDKLEAVVKHLTSTSDDEVYQYIVSQVKQYGIEPAELLSRKYGDKAKYHLSQLQDSNIKDYLEEIHEKM
LKRVY
;
B,D
#
loop_
_chem_comp.id
_chem_comp.type
_chem_comp.name
_chem_comp.formula
2DE non-polymer '(2E,6E)-7,11-dimethyldodeca-2,6,10-trien-1-yl trihydrogen diphosphate' 'C14 H26 O7 P2'
CL non-polymer 'CHLORIDE ION' 'Cl -1'
MG non-polymer 'MAGNESIUM ION' 'Mg 2'
#
# COMPACT_ATOMS: atom_id res chain seq x y z
N MET A 4 -9.93 32.37 -2.38
CA MET A 4 -10.20 30.91 -2.58
C MET A 4 -11.57 30.50 -2.05
N MET A 5 -12.40 29.94 -2.94
CA MET A 5 -13.74 29.50 -2.59
C MET A 5 -13.73 28.15 -1.88
N ARG A 6 -14.92 27.69 -1.50
CA ARG A 6 -15.10 26.40 -0.87
C ARG A 6 -14.79 25.26 -1.84
N TYR A 7 -15.32 25.37 -3.05
CA TYR A 7 -15.17 24.33 -4.07
C TYR A 7 -13.71 24.16 -4.47
N LEU A 8 -12.94 25.24 -4.42
CA LEU A 8 -11.54 25.19 -4.78
C LEU A 8 -10.75 24.42 -3.72
N HIS A 9 -11.10 24.64 -2.46
CA HIS A 9 -10.51 23.89 -1.35
C HIS A 9 -10.80 22.39 -1.51
N LYS A 10 -12.03 22.08 -1.89
CA LYS A 10 -12.48 20.70 -2.04
C LYS A 10 -11.64 19.93 -3.05
N ILE A 11 -11.51 20.48 -4.25
CA ILE A 11 -10.79 19.79 -5.32
C ILE A 11 -9.27 19.78 -5.08
N GLU A 12 -8.74 20.87 -4.54
CA GLU A 12 -7.32 20.95 -4.23
C GLU A 12 -6.94 19.98 -3.11
N LEU A 13 -7.87 19.70 -2.22
CA LEU A 13 -7.63 18.73 -1.16
C LEU A 13 -7.55 17.33 -1.77
N GLU A 14 -8.49 17.03 -2.66
CA GLU A 14 -8.55 15.72 -3.30
C GLU A 14 -7.39 15.49 -4.27
N LEU A 15 -6.94 16.54 -4.95
CA LEU A 15 -5.80 16.42 -5.86
C LEU A 15 -4.47 16.25 -5.11
N ASN A 16 -4.30 16.99 -4.02
CA ASN A 16 -3.12 16.87 -3.18
C ASN A 16 -3.01 15.49 -2.53
N ARG A 17 -4.16 14.87 -2.30
CA ARG A 17 -4.19 13.52 -1.75
C ARG A 17 -3.73 12.53 -2.80
N LEU A 18 -4.08 12.80 -4.06
CA LEU A 18 -3.70 11.94 -5.16
C LEU A 18 -2.20 12.02 -5.43
N THR A 19 -1.66 13.22 -5.47
CA THR A 19 -0.23 13.38 -5.67
C THR A 19 0.55 12.71 -4.54
N SER A 20 -0.04 12.71 -3.35
CA SER A 20 0.62 12.14 -2.18
C SER A 20 0.59 10.61 -2.18
N ARG A 21 -0.38 10.05 -2.87
CA ARG A 21 -0.59 8.61 -2.88
C ARG A 21 -0.04 7.97 -4.16
N TYR A 22 -0.31 8.61 -5.30
CA TYR A 22 0.13 8.10 -6.59
C TYR A 22 1.20 9.01 -7.20
N PRO A 23 2.46 8.56 -7.14
CA PRO A 23 3.59 9.37 -7.64
C PRO A 23 3.51 9.67 -9.13
N PHE A 24 2.75 8.90 -9.90
CA PHE A 24 2.62 9.16 -11.33
C PHE A 24 1.44 10.07 -11.71
N PHE A 25 0.76 10.60 -10.69
CA PHE A 25 -0.22 11.65 -10.93
C PHE A 25 0.44 13.02 -10.84
N LYS A 26 0.38 13.78 -11.92
CA LYS A 26 0.96 15.12 -11.93
C LYS A 26 -0.15 16.14 -12.11
N LYS A 27 -0.16 17.14 -11.22
CA LYS A 27 -1.20 18.16 -11.18
C LYS A 27 -0.64 19.51 -11.63
N ILE A 28 -0.93 19.88 -12.88
CA ILE A 28 -0.57 21.20 -13.39
C ILE A 28 -1.52 22.24 -12.81
N ALA A 29 -1.15 23.50 -12.91
CA ALA A 29 -1.96 24.59 -12.34
C ALA A 29 -3.27 24.77 -13.08
N PHE A 30 -4.33 25.12 -12.35
CA PHE A 30 -5.62 25.44 -12.95
C PHE A 30 -5.49 26.74 -13.73
N ASP A 31 -6.24 26.87 -14.82
CA ASP A 31 -6.23 28.11 -15.59
C ASP A 31 -6.81 29.25 -14.76
N ALA A 32 -5.99 30.28 -14.54
CA ALA A 32 -6.35 31.39 -13.66
C ALA A 32 -7.61 32.12 -14.10
N GLU A 33 -7.78 32.27 -15.41
CA GLU A 33 -8.93 32.98 -15.95
C GLU A 33 -10.21 32.19 -15.75
N ILE A 34 -10.11 30.88 -15.95
CA ILE A 34 -11.26 30.00 -15.82
C ILE A 34 -11.70 29.80 -14.38
N ILE A 35 -10.75 29.90 -13.45
CA ILE A 35 -11.06 29.86 -12.02
C ILE A 35 -11.91 31.06 -11.60
N LYS A 36 -11.43 32.26 -11.95
CA LYS A 36 -12.15 33.50 -11.63
C LYS A 36 -13.58 33.53 -12.17
N LEU A 37 -13.78 32.90 -13.33
CA LEU A 37 -15.12 32.81 -13.90
C LEU A 37 -15.97 31.79 -13.19
N VAL A 38 -15.41 30.60 -12.97
CA VAL A 38 -16.12 29.53 -12.26
C VAL A 38 -16.52 29.97 -10.85
N ASP A 39 -15.67 30.77 -10.22
CA ASP A 39 -15.96 31.33 -8.90
C ASP A 39 -17.37 31.94 -8.84
N ASP A 40 -17.78 32.60 -9.92
CA ASP A 40 -19.01 33.38 -9.93
C ASP A 40 -20.16 32.67 -10.64
N LEU A 41 -19.94 31.42 -11.03
CA LEU A 41 -21.00 30.62 -11.66
C LEU A 41 -22.11 30.31 -10.67
N ASN A 42 -23.34 30.26 -11.18
CA ASN A 42 -24.51 29.99 -10.37
C ASN A 42 -24.85 28.50 -10.38
N VAL A 43 -23.96 27.69 -9.81
CA VAL A 43 -24.17 26.25 -9.69
C VAL A 43 -23.63 25.71 -8.37
N ASP A 44 -23.95 24.45 -8.08
CA ASP A 44 -23.49 23.79 -6.85
C ASP A 44 -21.96 23.71 -6.75
N GLU A 45 -21.50 23.34 -5.56
CA GLU A 45 -20.09 23.12 -5.28
C GLU A 45 -19.59 21.95 -6.13
N ASN A 46 -20.43 20.95 -6.30
CA ASN A 46 -20.04 19.75 -7.03
C ASN A 46 -19.84 20.00 -8.52
N VAL A 47 -20.68 20.84 -9.10
CA VAL A 47 -20.61 21.15 -10.53
C VAL A 47 -19.38 21.99 -10.85
N LYS A 48 -18.99 22.84 -9.90
CA LYS A 48 -17.81 23.68 -10.08
C LYS A 48 -16.55 22.82 -10.07
N CYS A 49 -16.56 21.76 -9.27
CA CYS A 49 -15.43 20.86 -9.18
C CYS A 49 -15.28 20.07 -10.48
N ALA A 50 -16.39 19.50 -10.95
CA ALA A 50 -16.40 18.77 -12.19
C ALA A 50 -15.88 19.64 -13.33
N ILE A 51 -16.35 20.88 -13.38
CA ILE A 51 -15.93 21.82 -14.41
C ILE A 51 -14.42 22.03 -14.38
N VAL A 52 -13.89 22.39 -13.21
CA VAL A 52 -12.46 22.62 -13.07
C VAL A 52 -11.65 21.35 -13.37
N ALA A 53 -12.20 20.21 -12.99
CA ALA A 53 -11.52 18.92 -13.22
C ALA A 53 -11.38 18.62 -14.71
N ILE A 54 -12.50 18.71 -15.42
CA ILE A 54 -12.54 18.33 -16.83
C ILE A 54 -11.82 19.38 -17.70
N ASP A 55 -11.83 20.62 -17.24
CA ASP A 55 -11.17 21.70 -17.97
C ASP A 55 -9.67 21.49 -17.93
N THR A 56 -9.15 21.20 -16.74
CA THR A 56 -7.73 20.96 -16.54
C THR A 56 -7.33 19.68 -17.25
N SER A 57 -8.20 18.69 -17.21
CA SER A 57 -7.96 17.43 -17.89
C SER A 57 -7.60 17.69 -19.35
N MET A 58 -8.47 18.40 -20.04
CA MET A 58 -8.30 18.64 -21.47
C MET A 58 -7.13 19.56 -21.79
N ARG A 59 -6.84 20.50 -20.91
CA ARG A 59 -5.73 21.42 -21.12
C ARG A 59 -4.40 20.69 -20.98
N MET A 60 -4.36 19.67 -20.13
CA MET A 60 -3.17 18.85 -19.94
C MET A 60 -2.88 18.06 -21.21
N GLN A 61 -3.89 17.94 -22.06
CA GLN A 61 -3.79 17.20 -23.30
C GLN A 61 -2.67 17.77 -24.17
N ASP A 62 -2.54 19.10 -24.13
CA ASP A 62 -1.59 19.81 -24.98
C ASP A 62 -0.13 19.67 -24.52
N PHE A 63 0.05 19.31 -23.26
CA PHE A 63 1.39 19.24 -22.67
C PHE A 63 2.02 17.85 -22.79
N ILE A 64 1.25 16.88 -23.27
CA ILE A 64 1.69 15.48 -23.32
C ILE A 64 2.83 15.20 -24.31
N ASN A 65 4.02 14.97 -23.77
CA ASN A 65 5.20 14.63 -24.57
C ASN A 65 5.40 13.14 -24.65
N GLU A 66 6.62 12.74 -25.00
CA GLU A 66 7.05 11.36 -24.87
C GLU A 66 7.82 11.22 -23.56
N ASP A 67 8.20 12.36 -22.99
CA ASP A 67 8.95 12.39 -21.75
C ASP A 67 8.06 12.41 -20.52
N ASN A 68 6.79 12.79 -20.69
CA ASN A 68 5.87 12.85 -19.56
C ASN A 68 4.59 12.05 -19.75
N LYS A 69 4.52 11.25 -20.80
CA LYS A 69 3.29 10.56 -21.16
C LYS A 69 2.81 9.53 -20.15
N ASP A 70 3.71 8.73 -19.59
CA ASP A 70 3.27 7.72 -18.62
C ASP A 70 2.87 8.35 -17.30
N SER A 71 2.88 9.68 -17.27
CA SER A 71 2.38 10.44 -16.15
C SER A 71 1.14 11.21 -16.57
N PHE A 72 1.27 11.98 -17.63
CA PHE A 72 0.22 12.91 -18.09
C PHE A 72 -1.04 12.26 -18.65
N VAL A 73 -0.88 11.18 -19.41
CA VAL A 73 -2.03 10.52 -20.02
C VAL A 73 -2.99 10.05 -18.94
N LEU A 74 -2.47 9.28 -17.99
CA LEU A 74 -3.28 8.73 -16.91
C LEU A 74 -3.84 9.84 -16.03
N SER A 75 -3.06 10.90 -15.84
CA SER A 75 -3.48 12.00 -15.00
C SER A 75 -4.69 12.73 -15.58
N THR A 76 -4.78 12.81 -16.90
CA THR A 76 -5.93 13.42 -17.56
C THR A 76 -7.16 12.52 -17.42
N ASP A 77 -6.92 11.24 -17.15
CA ASP A 77 -7.99 10.26 -17.06
C ASP A 77 -8.64 10.20 -15.68
N VAL A 78 -7.86 10.38 -14.61
CA VAL A 78 -8.46 10.50 -13.29
C VAL A 78 -9.24 11.79 -13.19
N LEU A 79 -8.68 12.84 -13.77
CA LEU A 79 -9.35 14.14 -13.79
C LEU A 79 -10.68 14.04 -14.55
N SER A 80 -10.75 13.16 -15.55
CA SER A 80 -12.01 12.90 -16.24
C SER A 80 -12.91 12.05 -15.36
N ALA A 81 -12.31 11.13 -14.63
CA ALA A 81 -13.05 10.23 -13.74
C ALA A 81 -13.56 10.98 -12.53
N LEU A 82 -12.77 11.95 -12.07
CA LEU A 82 -13.19 12.82 -10.98
C LEU A 82 -14.40 13.64 -11.42
N PHE A 83 -14.29 14.23 -12.61
CA PHE A 83 -15.38 14.99 -13.21
C PHE A 83 -16.67 14.19 -13.14
N TYR A 84 -16.59 12.91 -13.51
CA TYR A 84 -17.76 12.03 -13.50
C TYR A 84 -18.17 11.72 -12.07
N LYS A 85 -17.20 11.65 -11.16
CA LYS A 85 -17.48 11.35 -9.78
C LYS A 85 -18.22 12.50 -9.09
N TYR A 86 -17.89 13.73 -9.49
CA TYR A 86 -18.48 14.92 -8.87
C TYR A 86 -19.96 15.15 -9.24
N LEU A 87 -20.41 14.49 -10.30
CA LEU A 87 -21.77 14.71 -10.79
C LEU A 87 -22.66 13.49 -10.62
N SER A 88 -22.24 12.57 -9.76
CA SER A 88 -22.93 11.27 -9.67
C SER A 88 -23.73 11.04 -8.39
N GLN A 89 -23.35 11.70 -7.30
CA GLN A 89 -24.10 11.58 -6.03
C GLN A 89 -24.24 12.90 -5.30
N PRO A 90 -25.39 13.57 -5.47
CA PRO A 90 -26.50 13.12 -6.29
C PRO A 90 -26.23 13.30 -7.78
N PHE A 91 -27.03 12.65 -8.62
CA PHE A 91 -26.84 12.75 -10.07
C PHE A 91 -27.34 14.08 -10.62
N TYR A 92 -26.41 14.90 -11.10
CA TYR A 92 -26.75 16.16 -11.75
C TYR A 92 -26.97 15.93 -13.24
N GLN A 93 -28.13 15.36 -13.59
CA GLN A 93 -28.38 14.92 -14.95
C GLN A 93 -28.19 15.99 -16.02
N HIS A 94 -28.72 17.19 -15.79
CA HIS A 94 -28.66 18.25 -16.79
C HIS A 94 -27.22 18.72 -17.01
N ASP A 95 -26.49 18.93 -15.93
CA ASP A 95 -25.09 19.38 -16.01
C ASP A 95 -24.21 18.31 -16.62
N PHE A 96 -24.58 17.05 -16.40
CA PHE A 96 -23.86 15.91 -16.96
C PHE A 96 -24.03 15.87 -18.48
N LEU A 97 -25.27 15.91 -18.95
CA LEU A 97 -25.55 15.92 -20.39
C LEU A 97 -24.83 17.08 -21.09
N VAL A 98 -24.80 18.23 -20.44
CA VAL A 98 -24.16 19.42 -21.02
C VAL A 98 -22.65 19.25 -21.13
N LEU A 99 -22.02 18.90 -20.01
CA LEU A 99 -20.57 18.84 -19.95
C LEU A 99 -19.94 17.64 -20.68
N THR A 100 -20.65 16.52 -20.73
CA THR A 100 -20.16 15.36 -21.48
C THR A 100 -20.21 15.67 -22.96
N ASP A 101 -21.16 16.52 -23.34
CA ASP A 101 -21.24 17.00 -24.70
C ASP A 101 -20.05 17.91 -24.98
N CYS A 102 -19.74 18.77 -24.02
CA CYS A 102 -18.60 19.68 -24.13
C CYS A 102 -17.30 18.92 -24.33
N VAL A 103 -17.18 17.78 -23.66
CA VAL A 103 -15.99 16.94 -23.76
C VAL A 103 -15.87 16.40 -25.18
N SER A 104 -17.00 15.93 -25.70
CA SER A 104 -17.05 15.43 -27.06
C SER A 104 -16.69 16.51 -28.08
N ARG A 105 -17.26 17.70 -27.91
CA ARG A 105 -17.07 18.80 -28.85
C ARG A 105 -15.68 19.43 -28.79
N ILE A 106 -15.09 19.48 -27.60
CA ILE A 106 -13.77 20.10 -27.44
C ILE A 106 -12.67 19.26 -28.07
N ASN A 107 -12.89 17.95 -28.14
CA ASN A 107 -11.95 17.05 -28.81
C ASN A 107 -12.10 17.16 -30.33
N GLU A 108 -13.33 17.42 -30.76
CA GLU A 108 -13.62 17.66 -32.16
C GLU A 108 -12.98 18.96 -32.65
N LEU A 109 -13.06 20.01 -31.84
CA LEU A 109 -12.54 21.31 -32.22
C LEU A 109 -11.00 21.32 -32.26
N LYS A 110 -10.40 20.50 -31.41
CA LYS A 110 -8.95 20.40 -31.35
C LYS A 110 -8.36 19.63 -32.55
N SER A 111 -9.09 18.65 -33.04
CA SER A 111 -8.70 17.93 -34.25
C SER A 111 -8.73 18.86 -35.45
N ILE A 112 -9.90 19.48 -35.65
CA ILE A 112 -10.08 20.41 -36.76
C ILE A 112 -9.11 21.59 -36.65
N ARG A 113 -8.67 21.89 -35.43
CA ARG A 113 -7.72 22.97 -35.21
C ARG A 113 -6.36 22.61 -35.82
N ALA A 114 -6.04 21.32 -35.80
CA ALA A 114 -4.77 20.84 -36.33
C ALA A 114 -4.69 21.01 -37.84
N THR A 115 -5.86 21.15 -38.48
CA THR A 115 -5.93 21.27 -39.94
C THR A 115 -6.52 22.61 -40.37
N ILE A 116 -5.93 23.70 -39.87
CA ILE A 116 -6.34 25.04 -40.28
C ILE A 116 -5.23 26.04 -39.96
N THR A 117 -4.92 26.90 -40.92
CA THR A 117 -3.84 27.88 -40.76
C THR A 117 -4.37 29.32 -40.78
N ASP A 118 -5.58 29.49 -41.29
CA ASP A 118 -6.21 30.81 -41.37
C ASP A 118 -6.17 31.53 -40.02
N GLU A 119 -5.85 32.83 -40.05
CA GLU A 119 -5.66 33.63 -38.84
C GLU A 119 -6.93 33.80 -38.01
N ILE A 120 -7.98 34.38 -38.60
CA ILE A 120 -9.21 34.64 -37.85
C ILE A 120 -9.89 33.34 -37.41
N ALA A 121 -9.77 32.29 -38.21
CA ALA A 121 -10.38 31.01 -37.90
C ALA A 121 -9.67 30.31 -36.74
N LEU A 122 -8.39 30.65 -36.57
CA LEU A 122 -7.61 30.11 -35.47
C LEU A 122 -7.98 30.81 -34.17
N HIS A 123 -8.08 32.13 -34.22
CA HIS A 123 -8.44 32.94 -33.07
C HIS A 123 -9.83 32.59 -32.56
N ASN A 124 -10.73 32.27 -33.48
CA ASN A 124 -12.12 31.96 -33.13
C ASN A 124 -12.31 30.57 -32.55
N ILE A 125 -11.64 29.57 -33.14
CA ILE A 125 -11.75 28.20 -32.66
C ILE A 125 -11.07 28.05 -31.30
N ASN A 126 -9.93 28.71 -31.13
CA ASN A 126 -9.24 28.72 -29.84
C ASN A 126 -10.14 29.30 -28.76
N LYS A 127 -10.78 30.42 -29.08
CA LYS A 127 -11.73 31.05 -28.17
C LYS A 127 -12.78 30.03 -27.74
N GLN A 128 -13.29 29.27 -28.71
CA GLN A 128 -14.34 28.31 -28.47
C GLN A 128 -13.84 27.15 -27.61
N ILE A 129 -12.55 26.82 -27.75
CA ILE A 129 -11.95 25.71 -27.04
C ILE A 129 -11.60 26.11 -25.61
N HIS A 130 -11.09 27.33 -25.45
CA HIS A 130 -10.71 27.86 -24.15
C HIS A 130 -11.92 28.02 -23.22
N TYR A 131 -13.05 28.44 -23.78
CA TYR A 131 -14.24 28.72 -22.99
C TYR A 131 -15.28 27.60 -23.06
N MET A 132 -14.86 26.45 -23.59
CA MET A 132 -15.76 25.33 -23.85
C MET A 132 -16.69 24.96 -22.69
N PHE A 133 -16.12 24.86 -21.48
CA PHE A 133 -16.86 24.31 -20.35
C PHE A 133 -17.61 25.34 -19.53
N ILE A 134 -17.36 26.62 -19.81
CA ILE A 134 -18.02 27.69 -19.04
C ILE A 134 -19.09 28.45 -19.81
N GLN A 135 -19.08 28.36 -21.13
CA GLN A 135 -20.05 29.10 -21.95
C GLN A 135 -21.50 28.66 -21.70
N PRO A 136 -21.74 27.35 -21.61
CA PRO A 136 -23.10 26.85 -21.41
C PRO A 136 -23.73 27.42 -20.14
N TYR A 137 -22.91 28.03 -19.29
CA TYR A 137 -23.38 28.59 -18.03
C TYR A 137 -23.33 30.12 -18.06
N MET A 138 -23.44 30.68 -19.26
CA MET A 138 -23.49 32.13 -19.41
C MET A 138 -24.39 32.54 -20.57
N SER B 5 -25.55 -22.35 -28.98
CA SER B 5 -26.92 -21.76 -28.98
C SER B 5 -26.97 -20.46 -28.19
N TYR B 6 -25.86 -20.12 -27.53
CA TYR B 6 -25.80 -18.90 -26.74
C TYR B 6 -25.51 -17.68 -27.61
N LYS B 7 -24.88 -17.91 -28.76
CA LYS B 7 -24.64 -16.84 -29.72
C LYS B 7 -25.87 -16.62 -30.58
N ALA B 8 -26.94 -17.33 -30.26
CA ALA B 8 -28.22 -17.18 -30.95
C ALA B 8 -29.13 -16.27 -30.14
N PHE B 9 -29.10 -16.44 -28.82
CA PHE B 9 -29.92 -15.64 -27.93
C PHE B 9 -29.42 -14.20 -27.85
N LEU B 10 -28.11 -14.04 -27.86
CA LEU B 10 -27.52 -12.70 -27.79
C LEU B 10 -27.30 -12.11 -29.19
N ASN B 11 -27.63 -12.89 -30.21
CA ASN B 11 -27.40 -12.48 -31.59
C ASN B 11 -28.10 -11.17 -31.98
N PRO B 12 -29.38 -11.04 -31.66
CA PRO B 12 -30.13 -9.83 -32.01
C PRO B 12 -29.64 -8.60 -31.24
N TYR B 13 -29.03 -8.84 -30.07
CA TYR B 13 -28.58 -7.77 -29.21
C TYR B 13 -27.16 -7.33 -29.55
N ILE B 14 -26.29 -8.29 -29.84
CA ILE B 14 -24.91 -7.99 -30.20
C ILE B 14 -24.85 -7.13 -31.45
N ILE B 15 -25.74 -7.41 -32.40
CA ILE B 15 -25.79 -6.63 -33.63
C ILE B 15 -26.43 -5.27 -33.37
N GLU B 16 -27.34 -5.22 -32.39
CA GLU B 16 -27.98 -3.97 -32.01
C GLU B 16 -27.00 -3.02 -31.34
N VAL B 17 -26.23 -3.53 -30.38
CA VAL B 17 -25.24 -2.71 -29.70
C VAL B 17 -24.14 -2.29 -30.67
N GLU B 18 -23.82 -3.18 -31.60
CA GLU B 18 -22.83 -2.89 -32.63
C GLU B 18 -23.28 -1.72 -33.49
N LYS B 19 -24.56 -1.75 -33.88
CA LYS B 19 -25.13 -0.68 -34.68
C LYS B 19 -25.06 0.65 -33.93
N ARG B 20 -25.42 0.62 -32.65
CA ARG B 20 -25.42 1.82 -31.83
C ARG B 20 -24.01 2.27 -31.46
N LEU B 21 -23.08 1.32 -31.40
CA LEU B 21 -21.67 1.64 -31.17
C LEU B 21 -21.13 2.52 -32.30
N TYR B 22 -21.52 2.19 -33.53
CA TYR B 22 -21.10 2.98 -34.69
C TYR B 22 -21.86 4.30 -34.73
N GLU B 23 -23.09 4.28 -34.24
CA GLU B 23 -23.87 5.50 -34.12
C GLU B 23 -23.20 6.46 -33.15
N CYS B 24 -22.76 5.92 -32.01
CA CYS B 24 -22.18 6.75 -30.96
C CYS B 24 -20.88 7.43 -31.35
N ILE B 25 -20.20 6.89 -32.37
CA ILE B 25 -18.90 7.44 -32.77
C ILE B 25 -18.99 8.46 -33.90
N GLN B 26 -20.15 8.57 -34.53
CA GLN B 26 -20.36 9.55 -35.60
C GLN B 26 -19.87 10.93 -35.15
N SER B 27 -19.05 11.58 -35.97
CA SER B 27 -18.49 12.88 -35.60
C SER B 27 -18.28 13.80 -36.79
N ASP B 28 -18.53 15.09 -36.57
CA ASP B 28 -18.29 16.10 -37.59
C ASP B 28 -16.79 16.34 -37.74
N SER B 29 -16.01 15.76 -36.84
CA SER B 29 -14.55 15.80 -36.95
C SER B 29 -14.05 14.66 -37.82
N GLU B 30 -13.26 15.01 -38.82
CA GLU B 30 -12.76 14.06 -39.80
C GLU B 30 -11.92 12.92 -39.19
N THR B 31 -10.81 13.27 -38.55
CA THR B 31 -9.89 12.29 -37.99
C THR B 31 -10.55 11.40 -36.94
N ILE B 32 -11.24 12.04 -36.00
CA ILE B 32 -11.86 11.33 -34.89
C ILE B 32 -12.82 10.25 -35.38
N ASN B 33 -13.62 10.57 -36.38
CA ASN B 33 -14.54 9.60 -36.95
C ASN B 33 -13.77 8.42 -37.52
N LYS B 34 -12.69 8.72 -38.25
CA LYS B 34 -11.83 7.70 -38.81
C LYS B 34 -11.16 6.87 -37.71
N ALA B 35 -10.61 7.57 -36.72
CA ALA B 35 -9.89 6.90 -35.63
C ALA B 35 -10.81 6.04 -34.78
N ALA B 36 -11.96 6.58 -34.41
CA ALA B 36 -12.95 5.82 -33.63
C ALA B 36 -13.35 4.57 -34.38
N HIS B 37 -13.62 4.72 -35.67
CA HIS B 37 -13.97 3.60 -36.53
C HIS B 37 -12.81 2.59 -36.56
N HIS B 38 -11.59 3.11 -36.68
CA HIS B 38 -10.41 2.26 -36.80
C HIS B 38 -10.32 1.22 -35.69
N ILE B 39 -10.50 1.65 -34.45
CA ILE B 39 -10.43 0.73 -33.32
C ILE B 39 -11.72 -0.06 -33.15
N LEU B 40 -12.83 0.55 -33.52
CA LEU B 40 -14.12 -0.11 -33.42
C LEU B 40 -14.25 -1.23 -34.45
N SER B 41 -13.51 -1.09 -35.55
CA SER B 41 -13.48 -2.11 -36.59
C SER B 41 -12.55 -3.25 -36.18
N SER B 42 -11.54 -2.93 -35.39
CA SER B 42 -10.55 -3.90 -34.95
C SER B 42 -11.15 -4.96 -34.03
N GLY B 43 -11.20 -6.20 -34.52
CA GLY B 43 -11.68 -7.34 -33.74
C GLY B 43 -12.77 -6.99 -32.74
N GLY B 44 -12.51 -7.32 -31.48
CA GLY B 44 -13.48 -7.08 -30.41
C GLY B 44 -14.37 -8.28 -30.17
N LYS B 45 -14.19 -8.92 -29.03
CA LYS B 45 -15.02 -10.06 -28.62
C LYS B 45 -16.31 -9.59 -27.96
N ARG B 46 -16.38 -8.28 -27.68
CA ARG B 46 -17.53 -7.66 -27.04
C ARG B 46 -17.99 -8.41 -25.79
N VAL B 47 -17.03 -8.93 -25.03
CA VAL B 47 -17.34 -9.78 -23.88
C VAL B 47 -18.03 -9.03 -22.74
N ARG B 48 -17.83 -7.71 -22.67
CA ARG B 48 -18.41 -6.91 -21.61
C ARG B 48 -19.90 -6.62 -21.83
N PRO B 49 -20.30 -6.29 -23.07
CA PRO B 49 -21.73 -6.22 -23.37
C PRO B 49 -22.43 -7.56 -23.12
N MET B 50 -21.75 -8.66 -23.45
CA MET B 50 -22.30 -10.00 -23.23
C MET B 50 -22.64 -10.25 -21.76
N PHE B 51 -21.82 -9.70 -20.87
CA PHE B 51 -22.09 -9.81 -19.44
C PHE B 51 -23.23 -8.88 -19.01
N VAL B 52 -23.21 -7.66 -19.53
CA VAL B 52 -24.27 -6.70 -19.25
C VAL B 52 -25.64 -7.28 -19.62
N LEU B 53 -25.76 -7.74 -20.85
CA LEU B 53 -27.01 -8.27 -21.37
C LEU B 53 -27.47 -9.50 -20.60
N LEU B 54 -26.58 -10.46 -20.41
CA LEU B 54 -26.92 -11.70 -19.72
C LEU B 54 -27.30 -11.47 -18.26
N SER B 55 -26.67 -10.49 -17.64
CA SER B 55 -26.95 -10.17 -16.24
C SER B 55 -28.34 -9.57 -16.10
N GLY B 56 -28.78 -8.85 -17.13
CA GLY B 56 -30.09 -8.24 -17.14
C GLY B 56 -31.19 -9.23 -17.46
N PHE B 57 -30.82 -10.35 -18.07
CA PHE B 57 -31.80 -11.36 -18.46
C PHE B 57 -31.99 -12.43 -17.40
N LEU B 58 -31.47 -12.21 -16.20
CA LEU B 58 -31.66 -13.16 -15.10
C LEU B 58 -33.07 -13.14 -14.56
N ASN B 59 -33.67 -11.96 -14.50
CA ASN B 59 -35.08 -11.83 -14.11
C ASN B 59 -35.93 -11.36 -15.28
N ASP B 60 -37.23 -11.62 -15.21
CA ASP B 60 -38.16 -11.19 -16.26
C ASP B 60 -38.33 -9.67 -16.26
N THR B 61 -37.75 -9.02 -17.28
CA THR B 61 -37.82 -7.56 -17.39
C THR B 61 -37.32 -7.07 -18.75
N GLN B 62 -37.82 -5.90 -19.16
CA GLN B 62 -37.42 -5.29 -20.43
C GLN B 62 -37.13 -3.80 -20.28
N LYS B 63 -35.90 -3.40 -20.59
CA LYS B 63 -35.52 -1.99 -20.55
C LYS B 63 -34.64 -1.61 -21.73
N ASP B 64 -34.80 -0.36 -22.18
CA ASP B 64 -33.94 0.19 -23.22
C ASP B 64 -32.60 0.57 -22.60
N ASP B 65 -32.61 0.68 -21.27
CA ASP B 65 -31.40 0.99 -20.52
C ASP B 65 -30.39 -0.14 -20.62
N LEU B 66 -30.88 -1.37 -20.59
CA LEU B 66 -30.01 -2.56 -20.59
C LEU B 66 -29.03 -2.56 -21.75
N ILE B 67 -29.55 -2.48 -22.97
CA ILE B 67 -28.69 -2.59 -24.15
C ILE B 67 -27.81 -1.35 -24.32
N ARG B 68 -28.23 -0.22 -23.76
CA ARG B 68 -27.44 1.01 -23.89
C ARG B 68 -26.36 1.09 -22.81
N THR B 69 -26.54 0.32 -21.74
CA THR B 69 -25.50 0.17 -20.73
C THR B 69 -24.33 -0.61 -21.33
N ALA B 70 -24.66 -1.66 -22.06
CA ALA B 70 -23.65 -2.47 -22.75
C ALA B 70 -22.85 -1.63 -23.73
N VAL B 71 -23.53 -0.76 -24.47
CA VAL B 71 -22.88 0.09 -25.45
C VAL B 71 -21.83 0.99 -24.80
N SER B 72 -22.17 1.52 -23.63
CA SER B 72 -21.28 2.44 -22.93
C SER B 72 -20.04 1.73 -22.40
N LEU B 73 -20.22 0.53 -21.86
CA LEU B 73 -19.09 -0.22 -21.33
C LEU B 73 -18.03 -0.47 -22.41
N GLU B 74 -18.48 -0.92 -23.58
CA GLU B 74 -17.56 -1.12 -24.70
C GLU B 74 -16.80 0.15 -25.03
N LEU B 75 -17.50 1.28 -25.04
CA LEU B 75 -16.88 2.56 -25.36
C LEU B 75 -15.81 2.93 -24.34
N VAL B 76 -16.06 2.62 -23.08
CA VAL B 76 -15.07 2.90 -22.03
C VAL B 76 -13.90 1.93 -22.14
N HIS B 77 -14.22 0.66 -22.37
CA HIS B 77 -13.20 -0.36 -22.56
C HIS B 77 -12.24 0.02 -23.71
N MET B 78 -12.81 0.47 -24.82
CA MET B 78 -12.01 0.84 -25.99
C MET B 78 -11.29 2.15 -25.78
N ALA B 79 -11.87 3.02 -24.98
CA ALA B 79 -11.24 4.29 -24.64
C ALA B 79 -9.95 4.04 -23.86
N SER B 80 -9.99 3.02 -22.99
CA SER B 80 -8.82 2.67 -22.19
C SER B 80 -7.72 2.03 -23.03
N LEU B 81 -8.11 1.32 -24.08
CA LEU B 81 -7.16 0.62 -24.95
C LEU B 81 -6.35 1.59 -25.82
N VAL B 82 -7.03 2.57 -26.40
CA VAL B 82 -6.36 3.59 -27.22
C VAL B 82 -5.28 4.29 -26.40
N HIS B 83 -5.65 4.74 -25.21
CA HIS B 83 -4.73 5.38 -24.30
C HIS B 83 -3.63 4.41 -23.85
N ASP B 84 -4.02 3.17 -23.57
CA ASP B 84 -3.08 2.16 -23.10
C ASP B 84 -1.95 1.94 -24.10
N ASP B 85 -2.30 1.65 -25.35
CA ASP B 85 -1.32 1.31 -26.37
C ASP B 85 -0.35 2.44 -26.65
N TYR B 86 -0.77 3.67 -26.37
CA TYR B 86 0.11 4.83 -26.54
C TYR B 86 1.06 4.95 -25.34
N ILE B 87 0.58 4.57 -24.17
CA ILE B 87 1.39 4.60 -22.96
C ILE B 87 2.40 3.45 -22.97
N ASP B 88 1.93 2.29 -23.41
CA ASP B 88 2.74 1.08 -23.41
C ASP B 88 3.61 0.94 -24.66
N ASN B 89 3.44 1.89 -25.59
CA ASN B 89 4.22 1.89 -26.83
C ASN B 89 3.89 0.75 -27.79
N SER B 90 2.82 0.01 -27.50
CA SER B 90 2.39 -1.08 -28.37
C SER B 90 1.99 -0.52 -29.73
N ASP B 91 2.27 -1.28 -30.78
CA ASP B 91 1.93 -0.84 -32.13
C ASP B 91 0.88 -1.77 -32.76
N MET B 92 0.54 -2.83 -32.06
CA MET B 92 -0.39 -3.83 -32.58
C MET B 92 -1.59 -4.04 -31.66
N ARG B 93 -2.71 -4.43 -32.26
CA ARG B 93 -3.91 -4.78 -31.51
C ARG B 93 -4.69 -5.86 -32.26
N ARG B 94 -4.54 -7.10 -31.81
CA ARG B 94 -5.21 -8.24 -32.44
C ARG B 94 -4.88 -8.38 -33.93
N GLY B 95 -3.80 -7.72 -34.36
CA GLY B 95 -3.40 -7.76 -35.76
C GLY B 95 -3.63 -6.45 -36.48
N ASN B 96 -4.30 -5.53 -35.78
CA ASN B 96 -4.55 -4.19 -36.31
C ASN B 96 -3.64 -3.15 -35.67
N THR B 97 -3.17 -2.19 -36.46
CA THR B 97 -2.29 -1.15 -35.96
C THR B 97 -3.01 -0.28 -34.93
N SER B 98 -2.27 0.18 -33.92
CA SER B 98 -2.84 1.04 -32.90
C SER B 98 -3.00 2.47 -33.41
N VAL B 99 -3.92 3.21 -32.81
CA VAL B 99 -4.31 4.52 -33.31
C VAL B 99 -3.17 5.53 -33.38
N HIS B 100 -2.27 5.49 -32.41
CA HIS B 100 -1.16 6.46 -32.37
C HIS B 100 -0.14 6.19 -33.48
N ILE B 101 -0.17 4.98 -34.02
CA ILE B 101 0.69 4.64 -35.15
C ILE B 101 -0.03 4.94 -36.46
N ALA B 102 -1.28 4.50 -36.57
CA ALA B 102 -2.08 4.73 -37.77
C ALA B 102 -2.38 6.22 -38.00
N PHE B 103 -2.37 7.00 -36.93
CA PHE B 103 -2.60 8.43 -37.03
C PHE B 103 -1.46 9.21 -36.37
N ASP B 104 -1.63 9.57 -35.10
CA ASP B 104 -0.54 10.19 -34.33
C ASP B 104 -0.91 10.27 -32.84
N LYS B 105 0.00 10.80 -32.03
CA LYS B 105 -0.21 10.85 -30.59
C LYS B 105 -1.40 11.71 -30.21
N ASP B 106 -1.51 12.88 -30.82
CA ASP B 106 -2.59 13.81 -30.52
C ASP B 106 -3.97 13.22 -30.80
N THR B 107 -4.09 12.52 -31.92
CA THR B 107 -5.35 11.87 -32.27
C THR B 107 -5.66 10.76 -31.27
N ALA B 108 -4.62 10.01 -30.90
CA ALA B 108 -4.77 8.91 -29.98
C ALA B 108 -5.35 9.37 -28.65
N ILE B 109 -4.82 10.46 -28.11
CA ILE B 109 -5.30 10.97 -26.83
C ILE B 109 -6.70 11.58 -26.95
N ARG B 110 -6.95 12.30 -28.04
CA ARG B 110 -8.26 12.91 -28.27
C ARG B 110 -9.36 11.88 -28.42
N THR B 111 -9.10 10.85 -29.23
CA THR B 111 -10.12 9.85 -29.52
C THR B 111 -10.47 9.06 -28.26
N GLY B 112 -9.48 8.85 -27.39
CA GLY B 112 -9.72 8.19 -26.11
C GLY B 112 -10.70 8.98 -25.27
N HIS B 113 -10.45 10.28 -25.13
CA HIS B 113 -11.33 11.14 -24.39
C HIS B 113 -12.69 11.27 -25.08
N PHE B 114 -12.68 11.21 -26.41
CA PHE B 114 -13.89 11.31 -27.20
C PHE B 114 -14.79 10.12 -26.95
N LEU B 115 -14.20 8.93 -26.93
CA LEU B 115 -14.94 7.70 -26.67
C LEU B 115 -15.54 7.73 -25.27
N LEU B 116 -14.76 8.19 -24.30
CA LEU B 116 -15.22 8.31 -22.93
C LEU B 116 -16.38 9.30 -22.84
N ALA B 117 -16.27 10.39 -23.58
CA ALA B 117 -17.32 11.40 -23.64
C ALA B 117 -18.65 10.82 -24.11
N ARG B 118 -18.62 10.15 -25.26
CA ARG B 118 -19.82 9.57 -25.85
C ARG B 118 -20.38 8.44 -24.99
N ALA B 119 -19.49 7.68 -24.38
CA ALA B 119 -19.91 6.59 -23.49
C ALA B 119 -20.71 7.15 -22.32
N LEU B 120 -20.27 8.29 -21.80
CA LEU B 120 -20.97 8.94 -20.70
C LEU B 120 -22.24 9.63 -21.19
N GLN B 121 -22.18 10.17 -22.40
CA GLN B 121 -23.38 10.72 -23.04
C GLN B 121 -24.46 9.65 -23.15
N ASN B 122 -24.07 8.46 -23.59
CA ASN B 122 -25.01 7.38 -23.84
C ASN B 122 -25.84 6.94 -22.61
N ILE B 123 -25.24 7.06 -21.43
CA ILE B 123 -25.90 6.62 -20.19
C ILE B 123 -26.42 7.78 -19.36
N ALA B 124 -26.17 9.00 -19.83
CA ALA B 124 -26.65 10.20 -19.15
C ALA B 124 -28.18 10.19 -19.04
N THR B 125 -28.82 9.40 -19.91
CA THR B 125 -30.27 9.23 -19.88
C THR B 125 -30.69 8.64 -18.54
N ILE B 126 -30.02 7.57 -18.15
CA ILE B 126 -30.36 6.83 -16.94
C ILE B 126 -30.27 7.71 -15.69
N ASN B 127 -31.43 8.12 -15.20
CA ASN B 127 -31.53 8.97 -14.01
C ASN B 127 -31.43 8.13 -12.75
N ASN B 128 -30.20 7.86 -12.31
CA ASN B 128 -29.97 6.96 -11.20
C ASN B 128 -28.59 7.14 -10.57
N SER B 129 -28.55 7.71 -9.37
CA SER B 129 -27.29 7.99 -8.69
C SER B 129 -26.48 6.72 -8.46
N LYS B 130 -27.11 5.68 -7.92
CA LYS B 130 -26.41 4.43 -7.65
C LYS B 130 -25.68 3.94 -8.90
N PHE B 131 -26.40 3.93 -10.02
CA PHE B 131 -25.83 3.53 -11.30
C PHE B 131 -24.52 4.27 -11.57
N HIS B 132 -24.58 5.58 -11.51
CA HIS B 132 -23.42 6.42 -11.82
C HIS B 132 -22.35 6.36 -10.73
N GLN B 133 -22.78 6.12 -9.49
CA GLN B 133 -21.83 5.96 -8.39
C GLN B 133 -20.94 4.76 -8.67
N ILE B 134 -21.58 3.65 -9.01
CA ILE B 134 -20.87 2.41 -9.32
C ILE B 134 -19.92 2.59 -10.50
N PHE B 135 -20.45 3.12 -11.60
CA PHE B 135 -19.68 3.26 -12.83
C PHE B 135 -18.50 4.20 -12.68
N SER B 136 -18.74 5.36 -12.08
CA SER B 136 -17.69 6.35 -11.87
C SER B 136 -16.66 5.84 -10.87
N LYS B 137 -17.10 4.98 -9.95
CA LYS B 137 -16.20 4.42 -8.96
C LYS B 137 -15.21 3.45 -9.62
N THR B 138 -15.70 2.60 -10.50
CA THR B 138 -14.82 1.62 -11.13
C THR B 138 -13.82 2.32 -12.05
N ILE B 139 -14.29 3.30 -12.80
CA ILE B 139 -13.40 4.08 -13.67
C ILE B 139 -12.26 4.71 -12.88
N LEU B 140 -12.59 5.34 -11.76
CA LEU B 140 -11.56 5.87 -10.87
C LEU B 140 -10.59 4.77 -10.45
N GLU B 141 -11.13 3.64 -10.03
CA GLU B 141 -10.31 2.53 -9.53
C GLU B 141 -9.35 2.02 -10.61
N VAL B 142 -9.83 1.93 -11.85
CA VAL B 142 -9.00 1.50 -12.97
C VAL B 142 -7.78 2.43 -13.10
N CYS B 143 -8.04 3.73 -13.04
CA CYS B 143 -6.96 4.72 -13.06
C CYS B 143 -5.97 4.46 -11.92
N PHE B 144 -6.52 4.27 -10.72
CA PHE B 144 -5.69 4.05 -9.54
C PHE B 144 -4.79 2.84 -9.74
N GLY B 145 -5.37 1.79 -10.33
CA GLY B 145 -4.60 0.58 -10.63
C GLY B 145 -3.47 0.86 -11.59
N GLU B 146 -3.74 1.71 -12.57
CA GLU B 146 -2.73 2.08 -13.56
C GLU B 146 -1.60 2.88 -12.95
N PHE B 147 -1.94 3.83 -12.08
CA PHE B 147 -0.92 4.59 -11.37
C PHE B 147 -0.01 3.66 -10.59
N ASP B 148 -0.61 2.73 -9.85
CA ASP B 148 0.14 1.78 -9.04
C ASP B 148 1.03 0.90 -9.91
N GLN B 149 0.51 0.46 -11.05
CA GLN B 149 1.27 -0.39 -11.94
C GLN B 149 2.50 0.34 -12.47
N MET B 150 2.31 1.59 -12.85
CA MET B 150 3.38 2.42 -13.39
C MET B 150 4.48 2.64 -12.34
N ALA B 151 4.08 2.82 -11.10
CA ALA B 151 5.03 3.03 -10.02
C ALA B 151 5.70 1.71 -9.59
N ASP B 152 5.05 0.60 -9.89
CA ASP B 152 5.58 -0.71 -9.55
C ASP B 152 6.52 -1.29 -10.60
N ARG B 153 6.68 -0.58 -11.72
CA ARG B 153 7.54 -1.04 -12.79
C ARG B 153 9.00 -1.06 -12.32
N PHE B 154 9.65 -2.21 -12.48
CA PHE B 154 11.05 -2.39 -12.10
C PHE B 154 11.28 -2.09 -10.63
N ASN B 155 10.29 -2.40 -9.81
CA ASN B 155 10.37 -2.21 -8.37
C ASN B 155 9.99 -3.48 -7.64
N TYR B 156 11.00 -4.24 -7.23
CA TYR B 156 10.81 -5.52 -6.55
C TYR B 156 11.10 -5.36 -5.06
N PRO B 157 10.39 -6.11 -4.21
CA PRO B 157 9.33 -7.04 -4.58
C PRO B 157 7.95 -6.40 -4.68
N VAL B 158 7.04 -7.12 -5.34
CA VAL B 158 5.64 -6.76 -5.38
C VAL B 158 4.90 -7.79 -4.54
N SER B 159 4.24 -7.35 -3.48
CA SER B 159 3.51 -8.27 -2.62
C SER B 159 2.35 -8.94 -3.37
N PHE B 160 1.91 -10.09 -2.86
CA PHE B 160 0.80 -10.83 -3.45
C PHE B 160 -0.50 -10.03 -3.40
N THR B 161 -0.69 -9.30 -2.31
CA THR B 161 -1.85 -8.43 -2.13
C THR B 161 -1.84 -7.31 -3.17
N ALA B 162 -0.67 -6.73 -3.39
CA ALA B 162 -0.52 -5.66 -4.38
C ALA B 162 -0.75 -6.17 -5.81
N TYR B 163 -0.38 -7.43 -6.06
CA TYR B 163 -0.63 -8.02 -7.37
C TYR B 163 -2.13 -8.24 -7.59
N LEU B 164 -2.79 -8.84 -6.61
CA LEU B 164 -4.24 -9.03 -6.70
C LEU B 164 -4.94 -7.70 -6.91
N ARG B 165 -4.53 -6.69 -6.14
CA ARG B 165 -5.07 -5.35 -6.27
C ARG B 165 -4.88 -4.85 -7.71
N ARG B 166 -3.69 -5.03 -8.25
CA ARG B 166 -3.38 -4.59 -9.61
C ARG B 166 -4.27 -5.22 -10.67
N ILE B 167 -4.43 -6.54 -10.63
CA ILE B 167 -5.23 -7.22 -11.64
C ILE B 167 -6.73 -7.03 -11.41
N ASN B 168 -7.12 -6.70 -10.19
CA ASN B 168 -8.50 -6.40 -9.88
C ASN B 168 -8.96 -5.13 -10.60
N ARG B 169 -8.17 -4.08 -10.47
CA ARG B 169 -8.53 -2.79 -11.03
C ARG B 169 -8.42 -2.75 -12.54
N LYS B 170 -7.48 -3.48 -13.10
CA LYS B 170 -7.19 -3.34 -14.51
C LYS B 170 -8.02 -4.26 -15.40
N THR B 171 -8.71 -5.22 -14.78
CA THR B 171 -9.52 -6.17 -15.55
C THR B 171 -10.79 -6.59 -14.81
N ALA B 172 -10.63 -6.97 -13.55
CA ALA B 172 -11.74 -7.55 -12.80
C ALA B 172 -12.94 -6.62 -12.59
N ILE B 173 -12.69 -5.39 -12.16
CA ILE B 173 -13.78 -4.49 -11.74
C ILE B 173 -14.66 -3.99 -12.88
N LEU B 174 -14.07 -3.74 -14.04
CA LEU B 174 -14.84 -3.29 -15.19
C LEU B 174 -15.84 -4.37 -15.61
N ILE B 175 -15.42 -5.62 -15.52
CA ILE B 175 -16.27 -6.76 -15.82
C ILE B 175 -17.30 -6.97 -14.69
N GLU B 176 -16.87 -6.75 -13.46
CA GLU B 176 -17.78 -6.79 -12.32
C GLU B 176 -18.84 -5.72 -12.44
N ALA B 177 -18.46 -4.56 -12.96
CA ALA B 177 -19.40 -3.47 -13.20
C ALA B 177 -20.39 -3.85 -14.29
N SER B 178 -19.92 -4.58 -15.31
CA SER B 178 -20.78 -5.06 -16.38
C SER B 178 -21.94 -5.89 -15.82
N CYS B 179 -21.61 -6.81 -14.92
CA CYS B 179 -22.62 -7.69 -14.32
C CYS B 179 -23.48 -6.91 -13.34
N HIS B 180 -22.89 -5.94 -12.67
CA HIS B 180 -23.58 -5.17 -11.64
C HIS B 180 -24.54 -4.15 -12.26
N LEU B 181 -24.05 -3.36 -13.20
CA LEU B 181 -24.89 -2.36 -13.87
C LEU B 181 -25.98 -3.02 -14.71
N GLY B 182 -25.67 -4.19 -15.26
CA GLY B 182 -26.66 -4.97 -16.01
C GLY B 182 -27.76 -5.45 -15.11
N ALA B 183 -27.39 -5.84 -13.88
CA ALA B 183 -28.36 -6.30 -12.89
C ALA B 183 -29.24 -5.16 -12.40
N LEU B 184 -28.65 -3.97 -12.30
CA LEU B 184 -29.40 -2.79 -11.88
C LEU B 184 -30.45 -2.39 -12.91
N SER B 185 -30.05 -2.35 -14.17
CA SER B 185 -30.94 -1.94 -15.26
C SER B 185 -31.99 -3.02 -15.54
N SER B 186 -32.26 -3.85 -14.54
CA SER B 186 -33.25 -4.92 -14.66
C SER B 186 -33.92 -5.16 -13.30
N GLN B 187 -33.56 -4.34 -12.33
CA GLN B 187 -34.10 -4.44 -10.98
C GLN B 187 -34.03 -5.85 -10.40
N LEU B 188 -32.86 -6.48 -10.52
CA LEU B 188 -32.65 -7.83 -9.98
C LEU B 188 -32.51 -7.78 -8.46
N ASP B 189 -32.95 -8.84 -7.79
CA ASP B 189 -32.94 -8.88 -6.32
C ASP B 189 -31.53 -8.95 -5.76
N GLU B 190 -31.38 -8.52 -4.50
CA GLU B 190 -30.08 -8.44 -3.85
C GLU B 190 -29.33 -9.78 -3.80
N GLN B 191 -30.05 -10.86 -3.53
CA GLN B 191 -29.45 -12.19 -3.45
C GLN B 191 -28.87 -12.63 -4.79
N SER B 192 -29.63 -12.39 -5.86
CA SER B 192 -29.22 -12.79 -7.19
C SER B 192 -28.21 -11.79 -7.78
N THR B 193 -28.29 -10.54 -7.34
CA THR B 193 -27.36 -9.51 -7.80
C THR B 193 -25.96 -9.75 -7.24
N TYR B 194 -25.91 -10.16 -5.98
CA TYR B 194 -24.64 -10.44 -5.32
C TYR B 194 -23.87 -11.54 -6.05
N HIS B 195 -24.55 -12.62 -6.40
CA HIS B 195 -23.90 -13.77 -7.02
C HIS B 195 -23.37 -13.47 -8.43
N ILE B 196 -24.16 -12.79 -9.25
CA ILE B 196 -23.72 -12.45 -10.59
C ILE B 196 -22.62 -11.38 -10.52
N LYS B 197 -22.71 -10.53 -9.51
CA LYS B 197 -21.70 -9.51 -9.27
C LYS B 197 -20.36 -10.19 -8.94
N GLN B 198 -20.39 -11.14 -8.02
CA GLN B 198 -19.18 -11.86 -7.63
C GLN B 198 -18.69 -12.82 -8.72
N PHE B 199 -19.59 -13.22 -9.61
CA PHE B 199 -19.21 -14.04 -10.75
C PHE B 199 -18.34 -13.22 -11.68
N GLY B 200 -18.78 -11.99 -11.96
CA GLY B 200 -18.04 -11.09 -12.84
C GLY B 200 -16.67 -10.76 -12.28
N HIS B 201 -16.59 -10.53 -10.97
CA HIS B 201 -15.33 -10.22 -10.32
C HIS B 201 -14.35 -11.39 -10.38
N CYS B 202 -14.84 -12.59 -10.10
CA CYS B 202 -13.98 -13.76 -10.06
C CYS B 202 -13.53 -14.23 -11.45
N ILE B 203 -14.41 -14.10 -12.43
CA ILE B 203 -14.08 -14.49 -13.80
C ILE B 203 -13.00 -13.57 -14.36
N GLY B 204 -13.08 -12.29 -14.02
CA GLY B 204 -12.09 -11.30 -14.46
C GLY B 204 -10.74 -11.53 -13.81
N MET B 205 -10.76 -11.91 -12.53
CA MET B 205 -9.52 -12.25 -11.84
C MET B 205 -8.84 -13.43 -12.52
N SER B 206 -9.58 -14.52 -12.67
CA SER B 206 -9.05 -15.73 -13.28
C SER B 206 -8.48 -15.45 -14.67
N TYR B 207 -9.22 -14.66 -15.44
CA TYR B 207 -8.84 -14.36 -16.82
C TYR B 207 -7.54 -13.57 -16.90
N GLN B 208 -7.35 -12.65 -15.97
CA GLN B 208 -6.15 -11.81 -15.99
C GLN B 208 -4.91 -12.57 -15.55
N ILE B 209 -5.08 -13.55 -14.66
CA ILE B 209 -4.00 -14.45 -14.31
C ILE B 209 -3.59 -15.25 -15.55
N ILE B 210 -4.58 -15.84 -16.22
CA ILE B 210 -4.34 -16.56 -17.46
C ILE B 210 -3.58 -15.68 -18.46
N ASP B 211 -4.01 -14.43 -18.61
CA ASP B 211 -3.33 -13.50 -19.50
C ASP B 211 -1.86 -13.36 -19.11
N ASP B 212 -1.60 -13.22 -17.81
CA ASP B 212 -0.25 -13.07 -17.31
C ASP B 212 0.58 -14.33 -17.55
N ILE B 213 -0.07 -15.48 -17.40
CA ILE B 213 0.57 -16.75 -17.71
C ILE B 213 0.98 -16.81 -19.18
N LEU B 214 0.03 -16.47 -20.06
CA LEU B 214 0.27 -16.53 -21.50
C LEU B 214 1.41 -15.64 -21.95
N ASP B 215 1.64 -14.55 -21.22
CA ASP B 215 2.74 -13.65 -21.54
C ASP B 215 4.06 -14.41 -21.53
N TYR B 216 4.10 -15.47 -20.73
CA TYR B 216 5.30 -16.29 -20.58
C TYR B 216 5.24 -17.57 -21.42
N THR B 217 4.10 -18.25 -21.39
CA THR B 217 3.96 -19.53 -22.05
C THR B 217 3.80 -19.42 -23.58
N SER B 218 2.83 -18.62 -24.01
CA SER B 218 2.49 -18.53 -25.42
C SER B 218 3.63 -18.01 -26.30
N ASP B 219 3.40 -18.03 -27.62
CA ASP B 219 4.35 -17.49 -28.58
C ASP B 219 3.85 -16.16 -29.11
N GLU B 220 4.68 -15.48 -29.89
CA GLU B 220 4.34 -14.16 -30.41
C GLU B 220 3.11 -14.21 -31.34
N ALA B 221 2.70 -15.41 -31.72
CA ALA B 221 1.58 -15.60 -32.64
C ALA B 221 0.24 -15.33 -31.98
N THR B 222 0.01 -15.91 -30.80
CA THR B 222 -1.23 -15.70 -30.08
C THR B 222 -1.18 -14.44 -29.23
N LEU B 223 0.04 -13.91 -29.04
CA LEU B 223 0.24 -12.69 -28.27
C LEU B 223 0.19 -11.44 -29.14
N GLY B 224 0.88 -11.48 -30.28
CA GLY B 224 1.02 -10.31 -31.13
C GLY B 224 2.19 -9.44 -30.67
N LYS B 225 2.92 -9.93 -29.66
CA LYS B 225 4.09 -9.26 -29.13
C LYS B 225 5.05 -10.27 -28.50
N PRO B 226 6.34 -9.87 -28.35
CA PRO B 226 7.36 -10.79 -27.86
C PRO B 226 6.95 -11.52 -26.57
N VAL B 227 7.41 -12.76 -26.44
CA VAL B 227 7.17 -13.53 -25.22
C VAL B 227 7.94 -12.93 -24.06
N GLY B 228 7.25 -12.67 -22.96
CA GLY B 228 7.86 -12.02 -21.80
C GLY B 228 7.81 -10.50 -21.92
N SER B 229 6.70 -9.99 -22.45
CA SER B 229 6.56 -8.55 -22.64
C SER B 229 6.39 -7.82 -21.32
N ASP B 230 5.64 -8.43 -20.41
CA ASP B 230 5.34 -7.81 -19.13
C ASP B 230 6.60 -7.51 -18.34
N ILE B 231 7.49 -8.50 -18.23
CA ILE B 231 8.70 -8.33 -17.46
C ILE B 231 9.72 -7.46 -18.18
N ARG B 232 9.66 -7.43 -19.51
CA ARG B 232 10.55 -6.57 -20.28
C ARG B 232 10.19 -5.11 -20.09
N ASN B 233 8.98 -4.86 -19.62
CA ASN B 233 8.54 -3.50 -19.32
C ASN B 233 8.45 -3.24 -17.82
N GLY B 234 8.99 -4.17 -17.04
CA GLY B 234 9.15 -3.99 -15.60
C GLY B 234 8.02 -4.54 -14.75
N HIS B 235 7.03 -5.14 -15.39
CA HIS B 235 5.85 -5.63 -14.68
C HIS B 235 6.08 -6.99 -14.04
N ILE B 236 6.07 -7.01 -12.70
CA ILE B 236 6.24 -8.25 -11.96
C ILE B 236 4.87 -8.88 -11.68
N THR B 237 4.69 -10.10 -12.19
CA THR B 237 3.38 -10.75 -12.15
C THR B 237 3.48 -12.08 -11.40
N TYR B 238 2.33 -12.65 -11.02
CA TYR B 238 2.34 -13.80 -10.14
C TYR B 238 3.16 -14.98 -10.64
N PRO B 239 3.16 -15.23 -11.96
CA PRO B 239 4.00 -16.32 -12.45
C PRO B 239 5.47 -16.14 -12.04
N LEU B 240 5.99 -14.92 -12.19
CA LEU B 240 7.35 -14.63 -11.77
C LEU B 240 7.50 -14.78 -10.25
N MET B 241 6.53 -14.27 -9.51
CA MET B 241 6.53 -14.36 -8.05
C MET B 241 6.56 -15.82 -7.58
N ALA B 242 5.72 -16.64 -8.20
CA ALA B 242 5.63 -18.05 -7.87
C ALA B 242 6.93 -18.78 -8.19
N ALA B 243 7.51 -18.47 -9.34
CA ALA B 243 8.75 -19.11 -9.77
C ALA B 243 9.88 -18.83 -8.78
N ILE B 244 9.95 -17.59 -8.33
CA ILE B 244 10.97 -17.18 -7.36
C ILE B 244 10.82 -17.96 -6.05
N ALA B 245 9.59 -18.08 -5.57
CA ALA B 245 9.33 -18.79 -4.32
C ALA B 245 9.71 -20.27 -4.42
N ASN B 246 9.41 -20.90 -5.56
CA ASN B 246 9.76 -22.30 -5.77
C ASN B 246 11.28 -22.55 -5.76
N LEU B 247 12.02 -21.66 -6.40
CA LEU B 247 13.47 -21.78 -6.45
C LEU B 247 14.12 -21.58 -5.08
N LYS B 248 13.53 -20.68 -4.29
CA LYS B 248 13.99 -20.46 -2.92
C LYS B 248 13.77 -21.70 -2.07
N GLU B 249 12.73 -22.47 -2.41
CA GLU B 249 12.47 -23.74 -1.74
C GLU B 249 13.59 -24.74 -2.04
N GLN B 250 14.12 -24.68 -3.26
CA GLN B 250 15.26 -25.51 -3.65
C GLN B 250 16.58 -24.79 -3.31
N ASP B 251 16.49 -23.82 -2.40
CA ASP B 251 17.65 -23.07 -1.90
C ASP B 251 18.37 -22.25 -2.95
N ASP B 252 17.67 -21.94 -4.04
CA ASP B 252 18.25 -21.14 -5.12
C ASP B 252 17.55 -19.78 -5.21
N ASP B 253 18.26 -18.72 -4.85
CA ASP B 253 17.64 -17.40 -4.87
C ASP B 253 18.30 -16.45 -5.87
N LYS B 254 18.90 -17.01 -6.91
CA LYS B 254 19.54 -16.21 -7.95
C LYS B 254 18.54 -15.41 -8.78
N LEU B 255 17.39 -16.02 -9.05
CA LEU B 255 16.32 -15.35 -9.79
C LEU B 255 15.85 -14.11 -9.02
N GLU B 256 15.62 -14.28 -7.72
CA GLU B 256 15.24 -13.18 -6.85
C GLU B 256 16.24 -12.04 -6.97
N ALA B 257 17.52 -12.37 -6.93
CA ALA B 257 18.57 -11.37 -6.99
C ALA B 257 18.55 -10.65 -8.33
N VAL B 258 18.32 -11.40 -9.40
CA VAL B 258 18.29 -10.81 -10.73
C VAL B 258 17.11 -9.85 -10.89
N VAL B 259 15.93 -10.29 -10.47
CA VAL B 259 14.73 -9.46 -10.59
C VAL B 259 14.84 -8.20 -9.74
N LYS B 260 15.40 -8.35 -8.53
CA LYS B 260 15.62 -7.20 -7.65
C LYS B 260 16.51 -6.15 -8.30
N HIS B 261 17.53 -6.58 -9.03
CA HIS B 261 18.47 -5.66 -9.66
C HIS B 261 18.05 -5.31 -11.08
N LEU B 262 16.86 -5.77 -11.47
CA LEU B 262 16.35 -5.53 -12.80
C LEU B 262 16.10 -4.04 -13.03
N THR B 263 16.38 -3.57 -14.23
CA THR B 263 16.30 -2.15 -14.55
C THR B 263 15.80 -1.97 -15.97
N SER B 264 15.30 -0.77 -16.27
CA SER B 264 14.80 -0.46 -17.61
C SER B 264 15.87 -0.64 -18.69
N THR B 265 17.14 -0.62 -18.28
CA THR B 265 18.24 -0.77 -19.23
C THR B 265 18.88 -2.17 -19.21
N SER B 266 18.16 -3.14 -18.65
CA SER B 266 18.69 -4.51 -18.53
C SER B 266 18.83 -5.21 -19.89
N ASP B 267 19.86 -6.05 -20.00
CA ASP B 267 20.15 -6.79 -21.23
C ASP B 267 19.15 -7.91 -21.48
N ASP B 268 18.88 -8.17 -22.75
CA ASP B 268 17.95 -9.23 -23.15
C ASP B 268 18.29 -10.61 -22.58
N GLU B 269 19.59 -10.86 -22.36
CA GLU B 269 20.02 -12.13 -21.80
C GLU B 269 19.41 -12.36 -20.42
N VAL B 270 19.24 -11.27 -19.67
CA VAL B 270 18.68 -11.35 -18.33
C VAL B 270 17.18 -11.66 -18.40
N TYR B 271 16.52 -11.12 -19.41
CA TYR B 271 15.10 -11.40 -19.62
C TYR B 271 14.86 -12.82 -20.11
N GLN B 272 15.70 -13.26 -21.05
CA GLN B 272 15.59 -14.63 -21.55
C GLN B 272 15.75 -15.63 -20.41
N TYR B 273 16.69 -15.35 -19.51
CA TYR B 273 16.87 -16.18 -18.32
C TYR B 273 15.60 -16.17 -17.46
N ILE B 274 15.05 -14.99 -17.22
CA ILE B 274 13.86 -14.86 -16.37
C ILE B 274 12.71 -15.66 -16.97
N VAL B 275 12.50 -15.49 -18.26
CA VAL B 275 11.41 -16.17 -18.96
C VAL B 275 11.45 -17.68 -18.76
N SER B 276 12.61 -18.27 -19.01
CA SER B 276 12.74 -19.72 -18.91
C SER B 276 12.56 -20.23 -17.47
N GLN B 277 13.04 -19.46 -16.49
CA GLN B 277 12.83 -19.82 -15.10
C GLN B 277 11.35 -19.81 -14.75
N VAL B 278 10.63 -18.84 -15.30
CA VAL B 278 9.20 -18.75 -15.04
C VAL B 278 8.47 -19.94 -15.68
N LYS B 279 8.85 -20.27 -16.92
CA LYS B 279 8.24 -21.40 -17.62
C LYS B 279 8.42 -22.70 -16.86
N GLN B 280 9.56 -22.82 -16.18
CA GLN B 280 9.91 -24.07 -15.50
C GLN B 280 9.27 -24.17 -14.12
N TYR B 281 9.08 -23.04 -13.45
CA TYR B 281 8.71 -23.06 -12.04
C TYR B 281 7.43 -22.31 -11.66
N GLY B 282 6.99 -21.39 -12.52
CA GLY B 282 5.88 -20.50 -12.14
C GLY B 282 4.52 -20.75 -12.76
N ILE B 283 4.48 -21.60 -13.79
CA ILE B 283 3.25 -21.81 -14.55
C ILE B 283 2.16 -22.51 -13.74
N GLU B 284 2.52 -23.64 -13.12
CA GLU B 284 1.54 -24.46 -12.41
C GLU B 284 0.89 -23.77 -11.20
N PRO B 285 1.68 -23.05 -10.40
CA PRO B 285 1.06 -22.35 -9.28
C PRO B 285 0.10 -21.25 -9.77
N ALA B 286 0.47 -20.60 -10.87
CA ALA B 286 -0.38 -19.56 -11.47
C ALA B 286 -1.68 -20.14 -12.01
N GLU B 287 -1.60 -21.33 -12.59
CA GLU B 287 -2.78 -22.02 -13.08
C GLU B 287 -3.67 -22.42 -11.91
N LEU B 288 -3.03 -22.91 -10.85
CA LEU B 288 -3.72 -23.32 -9.65
C LEU B 288 -4.51 -22.15 -9.07
N LEU B 289 -3.86 -21.00 -8.95
CA LEU B 289 -4.50 -19.80 -8.42
C LEU B 289 -5.67 -19.37 -9.32
N SER B 290 -5.42 -19.33 -10.62
CA SER B 290 -6.45 -18.98 -11.59
C SER B 290 -7.67 -19.88 -11.43
N ARG B 291 -7.41 -21.18 -11.23
CA ARG B 291 -8.48 -22.16 -11.06
C ARG B 291 -9.33 -21.86 -9.82
N LYS B 292 -8.68 -21.46 -8.73
CA LYS B 292 -9.41 -21.08 -7.52
C LYS B 292 -10.48 -20.02 -7.78
N TYR B 293 -10.10 -18.98 -8.51
CA TYR B 293 -11.04 -17.92 -8.86
C TYR B 293 -12.11 -18.42 -9.81
N GLY B 294 -11.72 -19.30 -10.73
CA GLY B 294 -12.66 -19.89 -11.67
C GLY B 294 -13.70 -20.74 -10.96
N ASP B 295 -13.24 -21.56 -10.01
CA ASP B 295 -14.13 -22.43 -9.26
C ASP B 295 -15.05 -21.61 -8.36
N LYS B 296 -14.53 -20.50 -7.84
CA LYS B 296 -15.31 -19.60 -7.01
C LYS B 296 -16.43 -18.94 -7.83
N ALA B 297 -16.13 -18.63 -9.09
CA ALA B 297 -17.13 -18.05 -9.99
C ALA B 297 -18.22 -19.08 -10.31
N LYS B 298 -17.81 -20.34 -10.43
CA LYS B 298 -18.78 -21.43 -10.65
C LYS B 298 -19.77 -21.52 -9.51
N TYR B 299 -19.27 -21.42 -8.27
CA TYR B 299 -20.12 -21.51 -7.10
C TYR B 299 -21.22 -20.45 -7.12
N HIS B 300 -20.85 -19.22 -7.48
CA HIS B 300 -21.81 -18.13 -7.54
C HIS B 300 -22.82 -18.30 -8.67
N LEU B 301 -22.41 -19.00 -9.73
CA LEU B 301 -23.33 -19.33 -10.81
C LEU B 301 -24.31 -20.41 -10.36
N SER B 302 -23.85 -21.32 -9.52
CA SER B 302 -24.66 -22.45 -9.06
C SER B 302 -25.67 -22.02 -8.01
N GLN B 303 -25.47 -20.85 -7.43
CA GLN B 303 -26.29 -20.40 -6.31
C GLN B 303 -27.46 -19.53 -6.79
N LEU B 304 -27.43 -19.14 -8.05
CA LEU B 304 -28.54 -18.38 -8.62
C LEU B 304 -29.57 -19.32 -9.24
N GLN B 305 -30.81 -18.86 -9.32
CA GLN B 305 -31.92 -19.71 -9.76
C GLN B 305 -31.67 -20.39 -11.10
N ASP B 306 -31.97 -21.68 -11.16
CA ASP B 306 -31.82 -22.47 -12.39
C ASP B 306 -32.66 -21.87 -13.51
N SER B 307 -32.01 -21.58 -14.64
CA SER B 307 -32.71 -21.03 -15.79
C SER B 307 -31.89 -21.16 -17.07
N ASN B 308 -32.50 -20.77 -18.18
CA ASN B 308 -31.86 -20.81 -19.48
C ASN B 308 -30.59 -19.97 -19.53
N ILE B 309 -30.66 -18.76 -18.98
CA ILE B 309 -29.54 -17.83 -19.00
C ILE B 309 -28.34 -18.38 -18.24
N LYS B 310 -28.61 -19.12 -17.17
CA LYS B 310 -27.54 -19.71 -16.37
C LYS B 310 -26.61 -20.56 -17.23
N ASP B 311 -27.19 -21.28 -18.18
CA ASP B 311 -26.42 -22.18 -19.03
C ASP B 311 -25.51 -21.43 -19.99
N TYR B 312 -25.95 -20.25 -20.44
CA TYR B 312 -25.14 -19.44 -21.33
C TYR B 312 -23.90 -18.90 -20.61
N LEU B 313 -24.11 -18.45 -19.37
CA LEU B 313 -23.02 -17.92 -18.55
C LEU B 313 -22.00 -19.00 -18.24
N GLU B 314 -22.50 -20.22 -18.00
CA GLU B 314 -21.65 -21.35 -17.69
C GLU B 314 -20.81 -21.76 -18.89
N GLU B 315 -21.37 -21.57 -20.08
CA GLU B 315 -20.66 -21.93 -21.31
C GLU B 315 -19.63 -20.86 -21.67
N ILE B 316 -19.86 -19.64 -21.19
CA ILE B 316 -18.87 -18.58 -21.34
C ILE B 316 -17.74 -18.80 -20.34
N HIS B 317 -18.10 -19.33 -19.17
CA HIS B 317 -17.12 -19.64 -18.13
C HIS B 317 -16.17 -20.74 -18.56
N GLU B 318 -16.67 -21.67 -19.37
CA GLU B 318 -15.84 -22.76 -19.89
C GLU B 318 -14.91 -22.28 -21.00
N LYS B 319 -15.41 -21.36 -21.81
CA LYS B 319 -14.65 -20.85 -22.96
C LYS B 319 -13.51 -19.93 -22.51
N MET B 320 -13.84 -18.95 -21.68
CA MET B 320 -12.87 -17.93 -21.26
C MET B 320 -11.72 -18.50 -20.42
N LEU B 321 -12.01 -19.58 -19.69
CA LEU B 321 -11.02 -20.16 -18.79
C LEU B 321 -10.57 -21.54 -19.26
N LYS B 322 -10.60 -21.75 -20.58
CA LYS B 322 -10.23 -23.03 -21.17
C LYS B 322 -8.79 -23.42 -20.86
N ARG B 323 -7.90 -22.42 -20.85
CA ARG B 323 -6.47 -22.63 -20.65
C ARG B 323 -6.14 -23.26 -19.30
N VAL B 324 -7.05 -23.12 -18.34
CA VAL B 324 -6.84 -23.67 -17.00
C VAL B 324 -7.67 -24.93 -16.77
N TYR B 325 -8.77 -25.07 -17.51
CA TYR B 325 -9.60 -26.26 -17.42
C TYR B 325 -9.42 -27.16 -18.65
N MET C 4 -8.10 -30.36 11.67
CA MET C 4 -8.00 -28.87 11.66
C MET C 4 -9.23 -28.24 12.31
N MET C 5 -9.08 -27.74 13.53
CA MET C 5 -10.16 -27.09 14.25
C MET C 5 -10.43 -25.67 13.76
N ARG C 6 -11.40 -25.00 14.37
CA ARG C 6 -11.77 -23.65 13.95
C ARG C 6 -10.71 -22.61 14.33
N TYR C 7 -10.04 -22.82 15.47
CA TYR C 7 -9.02 -21.90 15.94
C TYR C 7 -7.85 -21.84 14.95
N LEU C 8 -7.43 -23.01 14.48
CA LEU C 8 -6.31 -23.11 13.56
C LEU C 8 -6.59 -22.38 12.26
N HIS C 9 -7.86 -22.34 11.87
CA HIS C 9 -8.28 -21.63 10.66
C HIS C 9 -8.12 -20.12 10.83
N LYS C 10 -8.35 -19.63 12.05
CA LYS C 10 -8.28 -18.20 12.32
C LYS C 10 -6.86 -17.64 12.20
N ILE C 11 -5.91 -18.34 12.80
CA ILE C 11 -4.50 -17.90 12.74
C ILE C 11 -3.92 -18.10 11.35
N GLU C 12 -4.24 -19.23 10.74
CA GLU C 12 -3.78 -19.52 9.38
C GLU C 12 -4.21 -18.42 8.42
N LEU C 13 -5.43 -17.94 8.62
CA LEU C 13 -5.99 -16.90 7.76
C LEU C 13 -5.22 -15.59 7.92
N GLU C 14 -4.88 -15.24 9.15
CA GLU C 14 -4.16 -13.98 9.41
C GLU C 14 -2.72 -14.06 8.91
N LEU C 15 -2.08 -15.20 9.12
CA LEU C 15 -0.72 -15.41 8.64
C LEU C 15 -0.65 -15.35 7.11
N ASN C 16 -1.69 -15.85 6.45
CA ASN C 16 -1.80 -15.75 5.01
C ASN C 16 -2.06 -14.32 4.57
N ARG C 17 -2.80 -13.57 5.38
CA ARG C 17 -3.04 -12.16 5.10
C ARG C 17 -1.75 -11.38 5.24
N LEU C 18 -0.95 -11.74 6.25
CA LEU C 18 0.35 -11.11 6.46
C LEU C 18 1.36 -11.49 5.39
N THR C 19 1.39 -12.77 5.04
CA THR C 19 2.29 -13.27 4.02
C THR C 19 2.12 -12.52 2.69
N SER C 20 0.87 -12.21 2.35
CA SER C 20 0.57 -11.66 1.03
C SER C 20 0.71 -10.15 1.02
N ARG C 21 0.82 -9.55 2.19
CA ARG C 21 0.98 -8.10 2.31
C ARG C 21 2.43 -7.72 2.58
N TYR C 22 3.19 -8.62 3.20
CA TYR C 22 4.57 -8.33 3.55
C TYR C 22 5.51 -9.43 3.04
N PRO C 23 6.11 -9.20 1.86
CA PRO C 23 7.00 -10.20 1.26
C PRO C 23 8.12 -10.66 2.18
N PHE C 24 8.53 -9.82 3.12
CA PHE C 24 9.62 -10.20 4.02
C PHE C 24 9.15 -10.95 5.27
N PHE C 25 7.85 -11.16 5.41
CA PHE C 25 7.33 -12.01 6.47
C PHE C 25 7.29 -13.47 6.01
N LYS C 26 7.93 -14.36 6.77
CA LYS C 26 7.98 -15.78 6.44
C LYS C 26 7.19 -16.61 7.43
N LYS C 27 6.43 -17.57 6.91
CA LYS C 27 5.55 -18.38 7.72
C LYS C 27 5.97 -19.84 7.65
N ILE C 28 6.81 -20.28 8.59
CA ILE C 28 7.17 -21.69 8.67
C ILE C 28 5.97 -22.53 9.09
N ALA C 29 6.04 -23.83 8.87
CA ALA C 29 4.95 -24.72 9.25
C ALA C 29 4.85 -24.84 10.77
N PHE C 30 3.64 -25.03 11.28
CA PHE C 30 3.43 -25.27 12.70
C PHE C 30 4.01 -26.62 13.09
N ASP C 31 4.24 -26.82 14.38
CA ASP C 31 4.65 -28.12 14.88
C ASP C 31 3.43 -29.02 15.03
N ALA C 32 3.43 -30.14 14.32
CA ALA C 32 2.28 -31.03 14.26
C ALA C 32 1.86 -31.56 15.64
N GLU C 33 2.85 -31.88 16.48
CA GLU C 33 2.55 -32.45 17.78
C GLU C 33 1.81 -31.43 18.66
N ILE C 34 2.31 -30.20 18.64
CA ILE C 34 1.71 -29.15 19.44
C ILE C 34 0.36 -28.69 18.88
N ILE C 35 0.18 -28.81 17.57
CA ILE C 35 -1.13 -28.58 16.97
C ILE C 35 -2.15 -29.57 17.53
N LYS C 36 -1.75 -30.83 17.64
CA LYS C 36 -2.63 -31.87 18.17
C LYS C 36 -2.91 -31.69 19.67
N LEU C 37 -1.91 -31.20 20.40
CA LEU C 37 -2.07 -30.97 21.83
C LEU C 37 -2.93 -29.75 22.10
N VAL C 38 -2.73 -28.71 21.31
CA VAL C 38 -3.53 -27.48 21.44
C VAL C 38 -4.98 -27.75 21.05
N ASP C 39 -5.18 -28.73 20.17
CA ASP C 39 -6.52 -29.19 19.84
C ASP C 39 -7.25 -29.70 21.07
N ASP C 40 -6.55 -30.45 21.91
CA ASP C 40 -7.15 -31.11 23.07
C ASP C 40 -7.46 -30.17 24.22
N LEU C 41 -6.71 -29.07 24.30
CA LEU C 41 -6.85 -28.14 25.42
C LEU C 41 -8.27 -27.60 25.55
N ASN C 42 -8.74 -27.53 26.80
CA ASN C 42 -10.06 -26.97 27.11
C ASN C 42 -9.93 -25.49 27.40
N VAL C 43 -9.57 -24.72 26.38
CA VAL C 43 -9.33 -23.29 26.54
C VAL C 43 -9.83 -22.53 25.32
N ASP C 44 -10.07 -21.23 25.50
CA ASP C 44 -10.66 -20.41 24.45
C ASP C 44 -9.89 -20.40 23.14
N GLU C 45 -10.62 -20.18 22.05
CA GLU C 45 -10.06 -20.08 20.71
C GLU C 45 -8.84 -19.17 20.66
N ASN C 46 -8.98 -17.94 21.14
CA ASN C 46 -7.92 -16.96 21.11
C ASN C 46 -6.64 -17.43 21.81
N VAL C 47 -6.81 -18.14 22.93
CA VAL C 47 -5.69 -18.66 23.69
C VAL C 47 -4.93 -19.68 22.85
N LYS C 48 -5.68 -20.55 22.18
CA LYS C 48 -5.08 -21.56 21.30
C LYS C 48 -4.29 -20.88 20.18
N CYS C 49 -4.82 -19.77 19.68
CA CYS C 49 -4.15 -19.04 18.62
C CYS C 49 -2.86 -18.42 19.13
N ALA C 50 -2.88 -17.99 20.38
CA ALA C 50 -1.70 -17.38 20.99
C ALA C 50 -0.60 -18.41 21.18
N ILE C 51 -0.95 -19.57 21.71
CA ILE C 51 0.03 -20.61 21.98
C ILE C 51 0.72 -21.02 20.69
N VAL C 52 -0.07 -21.24 19.65
CA VAL C 52 0.48 -21.61 18.35
C VAL C 52 1.45 -20.53 17.82
N ALA C 53 1.04 -19.28 17.93
CA ALA C 53 1.83 -18.17 17.41
C ALA C 53 3.18 -18.03 18.11
N ILE C 54 3.18 -18.08 19.44
CA ILE C 54 4.41 -17.92 20.19
C ILE C 54 5.32 -19.14 20.08
N ASP C 55 4.72 -20.33 20.02
CA ASP C 55 5.48 -21.56 19.81
C ASP C 55 6.23 -21.53 18.49
N THR C 56 5.50 -21.15 17.43
CA THR C 56 6.09 -21.06 16.10
C THR C 56 7.12 -19.94 16.05
N SER C 57 6.83 -18.86 16.76
CA SER C 57 7.76 -17.74 16.86
C SER C 57 9.14 -18.20 17.35
N MET C 58 9.18 -18.91 18.48
CA MET C 58 10.45 -19.33 19.07
C MET C 58 11.13 -20.45 18.28
N ARG C 59 10.35 -21.32 17.65
CA ARG C 59 10.94 -22.39 16.83
C ARG C 59 11.63 -21.78 15.61
N MET C 60 11.00 -20.78 15.02
CA MET C 60 11.56 -20.08 13.88
C MET C 60 12.87 -19.42 14.26
N GLN C 61 13.02 -19.15 15.55
CA GLN C 61 14.23 -18.54 16.10
C GLN C 61 15.47 -19.35 15.73
N ASP C 62 15.34 -20.66 15.77
CA ASP C 62 16.45 -21.58 15.56
C ASP C 62 16.97 -21.60 14.13
N PHE C 63 16.20 -21.06 13.19
CA PHE C 63 16.56 -21.12 11.78
C PHE C 63 17.21 -19.83 11.27
N ILE C 64 17.28 -18.82 12.12
CA ILE C 64 17.87 -17.55 11.73
C ILE C 64 19.36 -17.69 11.44
N ASN C 65 19.79 -17.18 10.28
CA ASN C 65 21.20 -17.09 9.96
C ASN C 65 21.51 -15.77 9.26
N GLU C 66 22.76 -15.58 8.88
CA GLU C 66 23.20 -14.34 8.27
C GLU C 66 22.43 -13.99 6.98
N ASP C 67 21.96 -15.01 6.26
CA ASP C 67 21.31 -14.80 4.96
C ASP C 67 19.83 -14.47 5.03
N ASN C 68 19.19 -14.89 6.12
CA ASN C 68 17.75 -14.64 6.27
C ASN C 68 17.39 -13.70 7.43
N LYS C 69 18.40 -13.02 7.97
CA LYS C 69 18.23 -12.05 9.06
C LYS C 69 17.07 -11.08 8.86
N ASP C 70 17.09 -10.33 7.76
CA ASP C 70 16.08 -9.31 7.49
C ASP C 70 14.70 -9.89 7.71
N SER C 71 14.49 -11.07 7.13
CA SER C 71 13.19 -11.70 7.08
C SER C 71 12.84 -12.36 8.40
N PHE C 72 13.75 -13.19 8.90
CA PHE C 72 13.46 -14.10 10.00
C PHE C 72 13.32 -13.46 11.37
N VAL C 73 14.19 -12.50 11.68
CA VAL C 73 14.15 -11.82 12.96
C VAL C 73 12.83 -11.07 13.13
N LEU C 74 12.47 -10.28 12.12
CA LEU C 74 11.21 -9.54 12.13
C LEU C 74 10.01 -10.49 12.19
N SER C 75 10.07 -11.57 11.43
CA SER C 75 9.01 -12.56 11.44
C SER C 75 8.74 -13.09 12.86
N THR C 76 9.80 -13.45 13.57
CA THR C 76 9.64 -13.96 14.93
C THR C 76 9.05 -12.87 15.81
N ASP C 77 9.47 -11.63 15.57
CA ASP C 77 8.97 -10.50 16.32
C ASP C 77 7.46 -10.28 16.10
N VAL C 78 7.03 -10.32 14.84
CA VAL C 78 5.60 -10.14 14.55
C VAL C 78 4.76 -11.25 15.17
N LEU C 79 5.22 -12.48 15.05
CA LEU C 79 4.54 -13.62 15.66
C LEU C 79 4.40 -13.45 17.16
N SER C 80 5.44 -12.92 17.81
CA SER C 80 5.35 -12.62 19.24
C SER C 80 4.30 -11.55 19.46
N ALA C 81 4.29 -10.57 18.56
CA ALA C 81 3.34 -9.47 18.63
C ALA C 81 1.92 -9.98 18.46
N LEU C 82 1.74 -10.94 17.54
CA LEU C 82 0.44 -11.55 17.31
C LEU C 82 -0.02 -12.29 18.56
N PHE C 83 0.91 -13.04 19.14
CA PHE C 83 0.67 -13.71 20.41
C PHE C 83 0.02 -12.74 21.41
N TYR C 84 0.64 -11.58 21.55
CA TYR C 84 0.12 -10.52 22.42
C TYR C 84 -1.28 -10.09 22.01
N LYS C 85 -1.46 -9.81 20.72
CA LYS C 85 -2.75 -9.38 20.21
C LYS C 85 -3.83 -10.41 20.50
N TYR C 86 -3.50 -11.68 20.27
CA TYR C 86 -4.45 -12.77 20.46
C TYR C 86 -4.92 -12.93 21.89
N LEU C 87 -4.20 -12.31 22.83
CA LEU C 87 -4.55 -12.40 24.25
C LEU C 87 -5.02 -11.06 24.81
N SER C 88 -5.27 -10.10 23.94
CA SER C 88 -5.54 -8.73 24.36
C SER C 88 -7.02 -8.37 24.33
N GLN C 89 -7.80 -9.05 23.51
CA GLN C 89 -9.21 -8.69 23.32
C GLN C 89 -10.08 -9.89 22.96
N PRO C 90 -10.74 -10.49 23.96
CA PRO C 90 -10.71 -10.11 25.38
C PRO C 90 -9.37 -10.42 26.04
N PHE C 91 -9.06 -9.68 27.11
CA PHE C 91 -7.80 -9.83 27.82
C PHE C 91 -7.77 -11.08 28.69
N TYR C 92 -6.93 -12.04 28.29
CA TYR C 92 -6.73 -13.27 29.05
C TYR C 92 -5.57 -13.12 30.04
N GLN C 93 -5.80 -12.33 31.09
CA GLN C 93 -4.74 -12.01 32.05
C GLN C 93 -3.92 -13.21 32.51
N HIS C 94 -4.58 -14.18 33.13
CA HIS C 94 -3.88 -15.36 33.65
C HIS C 94 -3.01 -16.00 32.58
N ASP C 95 -3.59 -16.22 31.41
CA ASP C 95 -2.88 -16.89 30.32
C ASP C 95 -1.69 -16.07 29.82
N PHE C 96 -1.87 -14.75 29.77
CA PHE C 96 -0.82 -13.83 29.37
C PHE C 96 0.32 -13.82 30.38
N LEU C 97 -0.01 -14.00 31.66
CA LEU C 97 1.00 -14.02 32.69
C LEU C 97 1.89 -15.26 32.60
N VAL C 98 1.26 -16.42 32.42
CA VAL C 98 2.01 -17.67 32.32
C VAL C 98 2.80 -17.74 31.01
N LEU C 99 2.16 -17.35 29.90
CA LEU C 99 2.80 -17.47 28.59
C LEU C 99 3.97 -16.49 28.39
N THR C 100 3.84 -15.28 28.92
CA THR C 100 4.94 -14.33 28.86
C THR C 100 6.10 -14.83 29.72
N ASP C 101 5.77 -15.46 30.83
CA ASP C 101 6.80 -16.09 31.67
C ASP C 101 7.48 -17.21 30.88
N CYS C 102 6.69 -17.94 30.11
CA CYS C 102 7.20 -18.99 29.25
C CYS C 102 8.24 -18.47 28.26
N VAL C 103 7.94 -17.34 27.63
CA VAL C 103 8.84 -16.79 26.61
C VAL C 103 10.22 -16.48 27.16
N SER C 104 10.26 -15.77 28.27
CA SER C 104 11.54 -15.44 28.89
C SER C 104 12.26 -16.70 29.33
N ARG C 105 11.51 -17.66 29.87
CA ARG C 105 12.11 -18.89 30.33
C ARG C 105 12.70 -19.72 29.19
N ILE C 106 11.95 -19.84 28.09
CA ILE C 106 12.42 -20.63 26.95
C ILE C 106 13.72 -20.05 26.39
N ASN C 107 13.82 -18.73 26.36
CA ASN C 107 15.03 -18.07 25.88
C ASN C 107 16.21 -18.29 26.82
N GLU C 108 15.94 -18.31 28.12
CA GLU C 108 16.96 -18.61 29.10
C GLU C 108 17.44 -20.04 28.94
N LEU C 109 16.49 -20.97 28.82
CA LEU C 109 16.81 -22.37 28.67
C LEU C 109 17.58 -22.66 27.38
N LYS C 110 17.24 -21.95 26.31
CA LYS C 110 17.95 -22.11 25.04
C LYS C 110 19.37 -21.56 25.13
N SER C 111 19.57 -20.65 26.08
CA SER C 111 20.85 -20.01 26.27
C SER C 111 21.73 -20.92 27.10
N ILE C 112 21.15 -21.48 28.15
CA ILE C 112 21.84 -22.42 29.02
C ILE C 112 22.24 -23.68 28.25
N ARG C 113 21.33 -24.18 27.41
CA ARG C 113 21.57 -25.38 26.62
C ARG C 113 22.86 -25.28 25.82
N ALA C 114 23.14 -24.08 25.30
CA ALA C 114 24.32 -23.87 24.48
C ALA C 114 25.61 -24.29 25.19
N THR C 115 25.59 -24.31 26.52
CA THR C 115 26.79 -24.61 27.29
C THR C 115 26.77 -26.00 27.94
N ILE C 116 25.78 -26.81 27.60
CA ILE C 116 25.62 -28.13 28.21
C ILE C 116 26.10 -29.25 27.31
N THR C 117 26.83 -30.20 27.87
CA THR C 117 27.26 -31.38 27.11
C THR C 117 26.75 -32.68 27.74
N ASP C 118 26.39 -32.61 29.01
CA ASP C 118 25.82 -33.78 29.70
C ASP C 118 24.56 -34.27 29.00
N GLU C 119 24.59 -35.52 28.55
CA GLU C 119 23.52 -36.07 27.70
C GLU C 119 22.11 -36.00 28.27
N ILE C 120 21.96 -36.37 29.53
CA ILE C 120 20.63 -36.41 30.16
C ILE C 120 20.08 -35.01 30.40
N ALA C 121 20.94 -34.12 30.90
CA ALA C 121 20.55 -32.73 31.10
C ALA C 121 20.12 -32.11 29.77
N LEU C 122 20.89 -32.42 28.72
CA LEU C 122 20.60 -31.95 27.38
C LEU C 122 19.26 -32.50 26.91
N HIS C 123 19.04 -33.78 27.18
CA HIS C 123 17.82 -34.48 26.77
C HIS C 123 16.59 -33.92 27.48
N ASN C 124 16.74 -33.61 28.76
CA ASN C 124 15.62 -33.10 29.56
C ASN C 124 15.33 -31.63 29.28
N ILE C 125 16.37 -30.85 29.06
CA ILE C 125 16.18 -29.44 28.74
C ILE C 125 15.57 -29.29 27.35
N ASN C 126 15.86 -30.23 26.46
CA ASN C 126 15.25 -30.26 25.13
C ASN C 126 13.75 -30.49 25.17
N LYS C 127 13.31 -31.41 26.03
CA LYS C 127 11.89 -31.68 26.21
C LYS C 127 11.21 -30.50 26.88
N GLN C 128 11.93 -29.85 27.78
CA GLN C 128 11.38 -28.72 28.52
C GLN C 128 11.17 -27.53 27.58
N ILE C 129 12.14 -27.30 26.70
CA ILE C 129 12.03 -26.26 25.69
C ILE C 129 10.92 -26.56 24.69
N HIS C 130 10.82 -27.82 24.30
CA HIS C 130 9.84 -28.25 23.29
C HIS C 130 8.40 -28.16 23.79
N TYR C 131 8.19 -28.45 25.07
CA TYR C 131 6.84 -28.44 25.65
C TYR C 131 6.54 -27.16 26.43
N MET C 132 7.46 -26.20 26.36
CA MET C 132 7.36 -24.94 27.10
C MET C 132 5.95 -24.33 27.15
N PHE C 133 5.36 -24.09 25.99
CA PHE C 133 4.10 -23.36 25.92
C PHE C 133 2.86 -24.23 26.13
N ILE C 134 3.03 -25.55 26.06
CA ILE C 134 1.91 -26.46 26.24
C ILE C 134 1.86 -27.05 27.66
N GLN C 135 3.00 -27.07 28.35
CA GLN C 135 3.13 -27.72 29.66
C GLN C 135 2.27 -27.12 30.78
N PRO C 136 2.13 -25.80 30.82
CA PRO C 136 1.36 -25.19 31.91
C PRO C 136 -0.11 -25.59 31.90
N TYR C 137 -0.60 -26.08 30.76
CA TYR C 137 -2.00 -26.45 30.63
C TYR C 137 -2.20 -27.95 30.83
N MET C 138 -1.20 -28.59 31.42
CA MET C 138 -1.27 -30.02 31.68
C MET C 138 -0.71 -30.36 33.05
N MET D 1 12.67 32.26 44.44
CA MET D 1 11.99 31.16 45.17
C MET D 1 12.56 29.79 44.78
N ILE D 2 12.09 28.75 45.47
CA ILE D 2 12.54 27.41 45.17
C ILE D 2 11.59 26.79 44.15
N ALA D 3 12.10 26.59 42.95
CA ALA D 3 11.30 26.10 41.83
C ALA D 3 11.43 24.59 41.69
N LEU D 4 10.47 23.98 41.00
CA LEU D 4 10.55 22.57 40.67
C LEU D 4 10.85 22.42 39.18
N SER D 5 12.12 22.22 38.86
CA SER D 5 12.52 22.07 37.46
C SER D 5 12.18 20.68 36.92
N TYR D 6 12.32 20.55 35.61
CA TYR D 6 12.13 19.29 34.90
C TYR D 6 12.91 18.16 35.55
N LYS D 7 14.20 18.37 35.75
CA LYS D 7 15.07 17.34 36.33
C LYS D 7 14.70 17.03 37.77
N ALA D 8 14.46 18.07 38.57
CA ALA D 8 14.08 17.86 39.97
C ALA D 8 12.78 17.07 40.09
N PHE D 9 11.85 17.27 39.16
CA PHE D 9 10.57 16.58 39.24
C PHE D 9 10.63 15.11 38.78
N LEU D 10 11.35 14.86 37.70
CA LEU D 10 11.37 13.52 37.10
C LEU D 10 12.36 12.57 37.77
N ASN D 11 13.45 13.13 38.27
CA ASN D 11 14.55 12.35 38.82
C ASN D 11 14.13 11.13 39.66
N PRO D 12 13.33 11.37 40.71
CA PRO D 12 12.92 10.26 41.56
C PRO D 12 12.19 9.16 40.79
N TYR D 13 11.47 9.54 39.74
CA TYR D 13 10.71 8.57 38.96
C TYR D 13 11.60 7.85 37.95
N ILE D 14 12.53 8.59 37.35
CA ILE D 14 13.48 8.00 36.43
C ILE D 14 14.41 7.04 37.17
N ILE D 15 14.85 7.44 38.37
CA ILE D 15 15.66 6.56 39.20
C ILE D 15 14.93 5.26 39.48
N GLU D 16 13.63 5.35 39.79
CA GLU D 16 12.82 4.16 40.06
C GLU D 16 12.61 3.32 38.80
N VAL D 17 12.46 3.99 37.65
CA VAL D 17 12.30 3.28 36.39
C VAL D 17 13.57 2.49 36.06
N GLU D 18 14.72 3.06 36.40
CA GLU D 18 16.00 2.41 36.16
C GLU D 18 16.21 1.20 37.08
N LYS D 19 15.83 1.32 38.34
CA LYS D 19 15.95 0.21 39.28
C LYS D 19 15.13 -1.00 38.84
N ARG D 20 13.92 -0.74 38.36
CA ARG D 20 13.07 -1.80 37.86
C ARG D 20 13.60 -2.40 36.56
N LEU D 21 14.22 -1.56 35.74
CA LEU D 21 14.89 -2.04 34.53
C LEU D 21 15.93 -3.10 34.88
N TYR D 22 16.73 -2.82 35.91
CA TYR D 22 17.74 -3.77 36.34
C TYR D 22 17.10 -4.97 37.02
N GLU D 23 15.96 -4.75 37.64
CA GLU D 23 15.23 -5.83 38.28
C GLU D 23 14.70 -6.76 37.19
N CYS D 24 14.19 -6.15 36.12
CA CYS D 24 13.57 -6.91 35.04
C CYS D 24 14.52 -7.75 34.19
N ILE D 25 15.78 -7.35 34.15
CA ILE D 25 16.76 -8.06 33.32
C ILE D 25 17.54 -9.13 34.09
N GLN D 26 17.16 -9.41 35.33
CA GLN D 26 17.80 -10.50 36.07
C GLN D 26 17.36 -11.83 35.46
N SER D 27 18.29 -12.78 35.37
CA SER D 27 18.05 -14.00 34.62
C SER D 27 18.77 -15.23 35.16
N ASP D 28 18.11 -16.38 35.06
CA ASP D 28 18.74 -17.66 35.38
C ASP D 28 19.92 -17.93 34.45
N SER D 29 19.91 -17.29 33.30
CA SER D 29 20.99 -17.43 32.32
C SER D 29 21.99 -16.30 32.47
N GLU D 30 23.24 -16.65 32.77
CA GLU D 30 24.28 -15.64 32.95
C GLU D 30 24.57 -14.87 31.68
N THR D 31 24.57 -15.56 30.55
CA THR D 31 24.86 -14.94 29.27
C THR D 31 23.81 -13.89 28.93
N ILE D 32 22.54 -14.25 29.07
CA ILE D 32 21.45 -13.34 28.78
C ILE D 32 21.46 -12.16 29.74
N ASN D 33 21.76 -12.43 31.01
CA ASN D 33 21.85 -11.37 31.98
C ASN D 33 22.96 -10.36 31.65
N LYS D 34 24.13 -10.87 31.29
CA LYS D 34 25.26 -10.01 30.95
C LYS D 34 25.01 -9.19 29.69
N ALA D 35 24.30 -9.78 28.73
CA ALA D 35 24.01 -9.11 27.47
C ALA D 35 22.92 -8.05 27.66
N ALA D 36 21.93 -8.35 28.50
CA ALA D 36 20.90 -7.38 28.82
C ALA D 36 21.50 -6.23 29.62
N HIS D 37 22.41 -6.56 30.53
CA HIS D 37 23.08 -5.55 31.32
C HIS D 37 23.96 -4.66 30.44
N HIS D 38 24.56 -5.27 29.43
CA HIS D 38 25.41 -4.53 28.48
C HIS D 38 24.63 -3.43 27.76
N ILE D 39 23.46 -3.76 27.22
CA ILE D 39 22.67 -2.78 26.50
C ILE D 39 21.99 -1.79 27.45
N LEU D 40 21.73 -2.22 28.68
CA LEU D 40 21.14 -1.36 29.70
C LEU D 40 22.18 -0.35 30.20
N SER D 41 23.44 -0.79 30.24
CA SER D 41 24.54 0.06 30.70
C SER D 41 24.95 1.06 29.63
N SER D 42 24.37 0.92 28.44
CA SER D 42 24.73 1.71 27.28
C SER D 42 24.18 3.14 27.34
N GLY D 43 24.34 3.78 28.49
CA GLY D 43 23.90 5.18 28.67
C GLY D 43 22.72 5.62 27.83
N GLY D 44 21.55 5.05 28.08
CA GLY D 44 20.34 5.43 27.36
C GLY D 44 19.76 6.74 27.87
N LYS D 45 19.15 7.50 26.95
CA LYS D 45 18.53 8.77 27.29
C LYS D 45 17.16 8.58 27.95
N ARG D 46 16.58 7.40 27.78
CA ARG D 46 15.29 7.08 28.38
C ARG D 46 14.21 8.07 27.98
N VAL D 47 14.19 8.41 26.70
CA VAL D 47 13.23 9.39 26.19
C VAL D 47 11.80 8.89 26.30
N ARG D 48 11.58 7.61 26.03
CA ARG D 48 10.22 7.07 25.98
C ARG D 48 9.58 6.90 27.36
N PRO D 49 10.37 6.45 28.35
CA PRO D 49 9.89 6.49 29.73
C PRO D 49 9.46 7.90 30.16
N MET D 50 10.25 8.91 29.77
CA MET D 50 9.94 10.30 30.11
C MET D 50 8.58 10.75 29.58
N PHE D 51 8.29 10.39 28.33
CA PHE D 51 7.00 10.70 27.73
C PHE D 51 5.88 9.97 28.47
N VAL D 52 6.14 8.72 28.86
CA VAL D 52 5.18 7.95 29.62
C VAL D 52 4.84 8.67 30.92
N LEU D 53 5.87 8.98 31.70
CA LEU D 53 5.69 9.63 33.00
C LEU D 53 4.94 10.94 32.88
N LEU D 54 5.50 11.87 32.10
CA LEU D 54 4.90 13.19 31.92
C LEU D 54 3.44 13.13 31.47
N SER D 55 3.13 12.23 30.54
CA SER D 55 1.76 12.08 30.07
C SER D 55 0.85 11.62 31.19
N GLY D 56 1.36 10.72 32.03
CA GLY D 56 0.60 10.19 33.15
C GLY D 56 0.43 11.21 34.26
N PHE D 57 1.34 12.17 34.32
CA PHE D 57 1.28 13.17 35.36
C PHE D 57 0.38 14.35 34.97
N LEU D 58 -0.37 14.16 33.90
CA LEU D 58 -1.36 15.15 33.48
C LEU D 58 -2.60 15.14 34.38
N ASN D 59 -2.73 14.11 35.21
CA ASN D 59 -3.70 14.13 36.29
C ASN D 59 -3.21 13.36 37.52
N ASP D 60 -3.78 13.67 38.69
CA ASP D 60 -3.29 13.12 39.95
C ASP D 60 -3.91 11.76 40.24
N THR D 61 -3.09 10.71 40.20
CA THR D 61 -3.55 9.36 40.44
C THR D 61 -2.45 8.49 41.05
N GLN D 62 -2.79 7.26 41.42
CA GLN D 62 -1.79 6.30 41.83
C GLN D 62 -0.87 6.04 40.63
N LYS D 63 0.43 5.97 40.86
CA LYS D 63 1.39 5.90 39.76
C LYS D 63 2.05 4.53 39.57
N ASP D 64 1.53 3.51 40.24
CA ASP D 64 2.11 2.16 40.14
C ASP D 64 2.05 1.60 38.70
N ASP D 65 0.91 1.76 38.05
CA ASP D 65 0.76 1.31 36.68
C ASP D 65 1.56 2.18 35.73
N LEU D 66 1.79 3.43 36.13
CA LEU D 66 2.50 4.38 35.29
C LEU D 66 3.99 4.05 35.22
N ILE D 67 4.56 3.68 36.37
CA ILE D 67 5.95 3.25 36.42
C ILE D 67 6.13 1.99 35.58
N ARG D 68 5.24 1.01 35.77
CA ARG D 68 5.27 -0.21 34.99
C ARG D 68 5.30 0.08 33.50
N THR D 69 4.46 1.03 33.09
CA THR D 69 4.32 1.36 31.69
C THR D 69 5.59 1.97 31.14
N ALA D 70 6.23 2.82 31.94
CA ALA D 70 7.49 3.44 31.54
C ALA D 70 8.59 2.41 31.35
N VAL D 71 8.61 1.40 32.22
CA VAL D 71 9.64 0.37 32.18
C VAL D 71 9.46 -0.54 30.97
N SER D 72 8.22 -0.93 30.71
CA SER D 72 7.92 -1.82 29.59
C SER D 72 8.22 -1.15 28.26
N LEU D 73 7.98 0.14 28.17
CA LEU D 73 8.25 0.86 26.92
C LEU D 73 9.75 0.93 26.61
N GLU D 74 10.55 1.12 27.65
CA GLU D 74 12.00 1.11 27.47
C GLU D 74 12.49 -0.29 27.15
N LEU D 75 11.95 -1.30 27.83
CA LEU D 75 12.35 -2.68 27.57
C LEU D 75 12.06 -3.07 26.13
N VAL D 76 10.89 -2.67 25.64
CA VAL D 76 10.52 -2.92 24.26
C VAL D 76 11.44 -2.16 23.30
N HIS D 77 11.77 -0.92 23.67
CA HIS D 77 12.65 -0.10 22.85
C HIS D 77 14.03 -0.74 22.73
N MET D 78 14.56 -1.20 23.87
CA MET D 78 15.88 -1.83 23.90
C MET D 78 15.90 -3.10 23.06
N ALA D 79 14.83 -3.88 23.17
CA ALA D 79 14.67 -5.10 22.38
C ALA D 79 14.80 -4.81 20.89
N SER D 80 14.15 -3.73 20.43
CA SER D 80 14.13 -3.39 19.02
C SER D 80 15.52 -3.00 18.52
N LEU D 81 16.32 -2.41 19.41
CA LEU D 81 17.67 -1.98 19.05
C LEU D 81 18.63 -3.16 18.88
N VAL D 82 18.60 -4.10 19.82
CA VAL D 82 19.51 -5.25 19.73
C VAL D 82 19.21 -6.09 18.50
N HIS D 83 17.93 -6.25 18.17
CA HIS D 83 17.51 -6.94 16.94
C HIS D 83 17.86 -6.13 15.70
N ASP D 84 17.64 -4.83 15.75
CA ASP D 84 17.90 -3.97 14.60
C ASP D 84 19.40 -3.89 14.29
N ASP D 85 20.21 -3.82 15.34
CA ASP D 85 21.65 -3.72 15.16
C ASP D 85 22.21 -4.98 14.52
N TYR D 86 21.66 -6.13 14.88
CA TYR D 86 22.07 -7.41 14.31
C TYR D 86 21.60 -7.51 12.86
N ILE D 87 20.36 -7.11 12.61
CA ILE D 87 19.83 -7.08 11.25
C ILE D 87 20.63 -6.14 10.36
N ASP D 88 20.92 -4.95 10.88
CA ASP D 88 21.55 -3.90 10.08
C ASP D 88 23.08 -4.00 10.00
N ASN D 89 23.65 -4.91 10.78
CA ASN D 89 25.10 -5.07 10.81
C ASN D 89 25.83 -3.88 11.40
N SER D 90 25.24 -3.29 12.44
CA SER D 90 25.91 -2.25 13.19
C SER D 90 26.76 -2.89 14.27
N ASP D 91 28.08 -2.78 14.14
CA ASP D 91 29.00 -3.34 15.12
C ASP D 91 28.93 -2.57 16.44
N MET D 92 28.41 -1.35 16.39
CA MET D 92 28.49 -0.47 17.54
C MET D 92 27.25 0.41 17.69
N ARG D 93 26.98 0.83 18.92
CA ARG D 93 25.91 1.79 19.19
C ARG D 93 26.30 2.75 20.31
N ARG D 94 26.48 4.02 19.96
CA ARG D 94 26.85 5.05 20.93
C ARG D 94 28.14 4.71 21.69
N GLY D 95 29.13 4.18 20.97
CA GLY D 95 30.41 3.86 21.59
C GLY D 95 30.37 2.66 22.51
N ASN D 96 29.53 1.69 22.16
CA ASN D 96 29.49 0.40 22.87
C ASN D 96 29.17 -0.73 21.89
N THR D 97 30.05 -1.72 21.84
CA THR D 97 29.89 -2.82 20.88
C THR D 97 28.51 -3.46 21.04
N SER D 98 27.85 -3.70 19.91
CA SER D 98 26.51 -4.28 19.96
C SER D 98 26.51 -5.75 20.37
N VAL D 99 25.39 -6.21 20.90
CA VAL D 99 25.30 -7.53 21.52
C VAL D 99 25.83 -8.65 20.63
N HIS D 100 25.46 -8.63 19.35
CA HIS D 100 25.86 -9.70 18.44
C HIS D 100 27.37 -9.78 18.23
N ILE D 101 28.06 -8.65 18.32
CA ILE D 101 29.51 -8.65 18.24
C ILE D 101 30.11 -8.97 19.61
N ALA D 102 29.61 -8.31 20.64
CA ALA D 102 30.15 -8.46 22.00
C ALA D 102 29.94 -9.87 22.52
N PHE D 103 28.84 -10.50 22.11
CA PHE D 103 28.57 -11.88 22.49
C PHE D 103 28.49 -12.74 21.24
N ASP D 104 27.29 -13.01 20.74
CA ASP D 104 27.14 -13.72 19.47
C ASP D 104 25.74 -13.57 18.89
N LYS D 105 25.54 -14.10 17.69
CA LYS D 105 24.27 -14.00 16.98
C LYS D 105 23.08 -14.47 17.79
N ASP D 106 23.19 -15.65 18.39
CA ASP D 106 22.08 -16.26 19.12
C ASP D 106 21.72 -15.51 20.39
N THR D 107 22.72 -14.96 21.07
CA THR D 107 22.49 -14.21 22.28
C THR D 107 21.73 -12.93 21.94
N ALA D 108 22.16 -12.28 20.86
CA ALA D 108 21.49 -11.08 20.37
C ALA D 108 20.04 -11.37 20.06
N ILE D 109 19.78 -12.47 19.37
CA ILE D 109 18.42 -12.84 19.06
C ILE D 109 17.62 -13.07 20.33
N ARG D 110 18.14 -13.93 21.22
CA ARG D 110 17.44 -14.29 22.45
C ARG D 110 17.28 -13.13 23.42
N THR D 111 18.34 -12.33 23.57
CA THR D 111 18.27 -11.15 24.43
C THR D 111 17.10 -10.27 24.02
N GLY D 112 16.96 -10.03 22.72
CA GLY D 112 15.83 -9.26 22.20
C GLY D 112 14.50 -9.84 22.63
N HIS D 113 14.32 -11.13 22.41
CA HIS D 113 13.07 -11.79 22.78
C HIS D 113 12.86 -11.85 24.30
N PHE D 114 13.96 -11.96 25.03
CA PHE D 114 13.91 -11.93 26.49
C PHE D 114 13.42 -10.57 26.99
N LEU D 115 14.00 -9.50 26.45
CA LEU D 115 13.62 -8.15 26.81
C LEU D 115 12.16 -7.88 26.44
N LEU D 116 11.74 -8.37 25.29
CA LEU D 116 10.35 -8.24 24.86
C LEU D 116 9.43 -9.02 25.79
N ALA D 117 9.87 -10.22 26.21
CA ALA D 117 9.09 -11.04 27.12
C ALA D 117 8.91 -10.35 28.47
N ARG D 118 10.00 -9.81 29.01
CA ARG D 118 9.96 -9.15 30.30
C ARG D 118 9.07 -7.91 30.23
N ALA D 119 9.12 -7.20 29.12
CA ALA D 119 8.29 -6.02 28.91
C ALA D 119 6.81 -6.38 29.02
N LEU D 120 6.41 -7.43 28.30
CA LEU D 120 5.04 -7.89 28.31
C LEU D 120 4.64 -8.41 29.69
N GLN D 121 5.58 -9.08 30.35
CA GLN D 121 5.35 -9.59 31.71
C GLN D 121 5.09 -8.45 32.69
N ASN D 122 5.88 -7.39 32.56
CA ASN D 122 5.82 -6.24 33.46
C ASN D 122 4.50 -5.46 33.44
N ILE D 123 3.79 -5.51 32.32
CA ILE D 123 2.50 -4.83 32.23
C ILE D 123 1.34 -5.81 32.11
N ALA D 124 1.62 -7.08 32.37
CA ALA D 124 0.58 -8.11 32.37
C ALA D 124 -0.36 -7.95 33.57
N THR D 125 0.11 -7.25 34.59
CA THR D 125 -0.65 -7.07 35.82
C THR D 125 -1.77 -6.02 35.67
N ILE D 126 -1.65 -5.17 34.66
CA ILE D 126 -2.66 -4.17 34.39
C ILE D 126 -3.87 -4.83 33.72
N ASN D 127 -4.94 -5.00 34.49
CA ASN D 127 -6.15 -5.66 34.00
C ASN D 127 -7.01 -4.71 33.20
N ASN D 128 -6.57 -4.43 31.97
CA ASN D 128 -7.24 -3.46 31.11
C ASN D 128 -7.07 -3.82 29.64
N SER D 129 -8.15 -4.29 29.04
CA SER D 129 -8.12 -4.76 27.66
C SER D 129 -7.63 -3.67 26.69
N LYS D 130 -8.21 -2.48 26.79
CA LYS D 130 -7.85 -1.40 25.88
C LYS D 130 -6.36 -1.11 25.93
N PHE D 131 -5.78 -1.14 27.11
CA PHE D 131 -4.36 -0.91 27.29
C PHE D 131 -3.54 -1.86 26.41
N HIS D 132 -3.88 -3.14 26.47
CA HIS D 132 -3.11 -4.14 25.74
C HIS D 132 -3.39 -4.10 24.25
N GLN D 133 -4.59 -3.61 23.89
CA GLN D 133 -4.95 -3.44 22.49
C GLN D 133 -4.06 -2.38 21.84
N ILE D 134 -3.92 -1.24 22.52
CA ILE D 134 -3.07 -0.15 22.02
C ILE D 134 -1.62 -0.61 21.92
N PHE D 135 -1.15 -1.28 22.97
CA PHE D 135 0.23 -1.73 23.03
C PHE D 135 0.53 -2.79 21.96
N SER D 136 -0.27 -3.85 21.91
CA SER D 136 -0.11 -4.87 20.88
C SER D 136 -0.22 -4.27 19.48
N LYS D 137 -1.18 -3.38 19.30
CA LYS D 137 -1.36 -2.68 18.04
C LYS D 137 -0.09 -1.91 17.67
N THR D 138 0.52 -1.26 18.65
CA THR D 138 1.71 -0.47 18.41
C THR D 138 2.88 -1.34 17.94
N ILE D 139 3.16 -2.40 18.68
CA ILE D 139 4.27 -3.31 18.36
C ILE D 139 4.08 -3.95 16.98
N LEU D 140 2.85 -4.39 16.69
CA LEU D 140 2.54 -4.90 15.36
C LEU D 140 2.92 -3.87 14.30
N GLU D 141 2.44 -2.65 14.48
CA GLU D 141 2.66 -1.57 13.52
C GLU D 141 4.14 -1.31 13.26
N VAL D 142 4.93 -1.33 14.32
CA VAL D 142 6.37 -1.11 14.20
C VAL D 142 7.00 -2.18 13.32
N CYS D 143 6.57 -3.43 13.51
CA CYS D 143 7.04 -4.54 12.68
C CYS D 143 6.63 -4.35 11.23
N PHE D 144 5.36 -4.05 10.99
CA PHE D 144 4.88 -3.82 9.63
C PHE D 144 5.80 -2.84 8.89
N GLY D 145 6.06 -1.69 9.51
CA GLY D 145 6.90 -0.66 8.89
C GLY D 145 8.29 -1.18 8.61
N GLU D 146 8.78 -2.07 9.48
CA GLU D 146 10.09 -2.66 9.31
C GLU D 146 10.08 -3.58 8.08
N PHE D 147 9.00 -4.33 7.92
CA PHE D 147 8.82 -5.18 6.74
C PHE D 147 8.84 -4.36 5.45
N ASP D 148 8.10 -3.25 5.44
CA ASP D 148 8.03 -2.41 4.26
C ASP D 148 9.39 -1.81 3.92
N GLN D 149 10.17 -1.52 4.96
CA GLN D 149 11.45 -0.88 4.78
C GLN D 149 12.40 -1.71 3.93
N MET D 150 12.38 -3.03 4.12
CA MET D 150 13.23 -3.90 3.31
C MET D 150 12.66 -4.21 1.95
N ALA D 151 11.34 -4.11 1.83
CA ALA D 151 10.68 -4.30 0.54
C ALA D 151 10.93 -3.09 -0.36
N ASP D 152 10.90 -1.90 0.24
CA ASP D 152 11.03 -0.64 -0.49
C ASP D 152 12.48 -0.29 -0.81
N ARG D 153 13.42 -1.08 -0.30
CA ARG D 153 14.84 -0.80 -0.44
C ARG D 153 15.27 -0.65 -1.91
N PHE D 154 15.86 0.50 -2.21
CA PHE D 154 16.32 0.83 -3.56
C PHE D 154 15.18 1.11 -4.54
N ASN D 155 13.94 0.89 -4.10
CA ASN D 155 12.78 1.15 -4.94
C ASN D 155 12.54 2.63 -5.16
N TYR D 156 12.07 2.98 -6.36
CA TYR D 156 11.72 4.34 -6.68
C TYR D 156 10.70 4.30 -7.79
N PRO D 157 9.67 5.15 -7.73
CA PRO D 157 9.48 6.22 -6.76
C PRO D 157 8.93 5.74 -5.42
N VAL D 158 8.86 6.66 -4.46
CA VAL D 158 8.25 6.45 -3.16
C VAL D 158 7.16 7.49 -2.99
N SER D 159 5.94 7.06 -2.73
CA SER D 159 4.86 8.01 -2.50
C SER D 159 5.11 8.76 -1.20
N PHE D 160 4.70 10.02 -1.16
CA PHE D 160 4.79 10.83 0.04
C PHE D 160 4.07 10.12 1.19
N THR D 161 2.93 9.51 0.89
CA THR D 161 2.16 8.77 1.87
C THR D 161 2.93 7.57 2.42
N ALA D 162 3.54 6.80 1.54
CA ALA D 162 4.33 5.65 1.98
C ALA D 162 5.44 6.09 2.93
N TYR D 163 6.07 7.23 2.62
CA TYR D 163 7.12 7.77 3.48
C TYR D 163 6.61 8.18 4.86
N LEU D 164 5.42 8.78 4.91
CA LEU D 164 4.84 9.18 6.19
C LEU D 164 4.47 7.95 7.03
N ARG D 165 3.98 6.91 6.36
CA ARG D 165 3.63 5.67 7.04
C ARG D 165 4.90 5.05 7.63
N ARG D 166 5.97 5.09 6.84
CA ARG D 166 7.25 4.53 7.21
C ARG D 166 7.81 5.17 8.48
N ILE D 167 7.91 6.49 8.49
CA ILE D 167 8.48 7.18 9.63
C ILE D 167 7.53 7.21 10.83
N ASN D 168 6.23 7.06 10.56
CA ASN D 168 5.25 6.88 11.62
C ASN D 168 5.49 5.58 12.38
N ARG D 169 5.64 4.49 11.65
CA ARG D 169 5.79 3.18 12.25
C ARG D 169 7.20 2.94 12.78
N LYS D 170 8.15 3.71 12.30
CA LYS D 170 9.53 3.57 12.67
C LYS D 170 9.83 4.23 14.02
N THR D 171 9.28 5.42 14.22
CA THR D 171 9.62 6.24 15.38
C THR D 171 8.42 6.86 16.10
N ALA D 172 7.50 7.41 15.31
CA ALA D 172 6.38 8.17 15.87
C ALA D 172 5.46 7.33 16.75
N ILE D 173 4.99 6.20 16.23
CA ILE D 173 3.90 5.49 16.88
C ILE D 173 4.30 4.92 18.24
N LEU D 174 5.59 4.72 18.47
CA LEU D 174 6.06 4.23 19.76
C LEU D 174 6.10 5.36 20.79
N ILE D 175 6.42 6.57 20.34
CA ILE D 175 6.35 7.75 21.21
C ILE D 175 4.90 8.13 21.46
N GLU D 176 4.08 8.05 20.41
CA GLU D 176 2.64 8.23 20.56
C GLU D 176 2.12 7.28 21.63
N ALA D 177 2.49 6.01 21.53
CA ALA D 177 2.01 5.00 22.46
C ALA D 177 2.48 5.30 23.88
N SER D 178 3.74 5.71 24.01
CA SER D 178 4.30 6.07 25.30
C SER D 178 3.36 7.06 25.97
N CYS D 179 2.94 8.03 25.19
CA CYS D 179 2.03 9.07 25.66
C CYS D 179 0.64 8.50 25.90
N HIS D 180 0.17 7.68 24.97
CA HIS D 180 -1.17 7.13 25.05
C HIS D 180 -1.31 6.20 26.26
N LEU D 181 -0.35 5.30 26.42
CA LEU D 181 -0.44 4.31 27.49
C LEU D 181 -0.21 4.92 28.88
N GLY D 182 0.68 5.90 28.94
CA GLY D 182 0.93 6.62 30.19
C GLY D 182 -0.33 7.31 30.66
N ALA D 183 -1.07 7.87 29.70
CA ALA D 183 -2.34 8.53 30.01
C ALA D 183 -3.37 7.53 30.50
N LEU D 184 -3.50 6.42 29.78
CA LEU D 184 -4.42 5.35 30.20
C LEU D 184 -4.13 4.86 31.59
N SER D 185 -2.86 4.64 31.89
CA SER D 185 -2.46 4.09 33.18
C SER D 185 -2.82 5.04 34.31
N SER D 186 -2.96 6.31 33.99
CA SER D 186 -3.37 7.30 35.00
C SER D 186 -4.79 7.82 34.72
N GLN D 187 -5.55 7.01 33.99
CA GLN D 187 -6.98 7.26 33.77
C GLN D 187 -7.32 8.70 33.38
N LEU D 188 -6.52 9.26 32.49
CA LEU D 188 -6.73 10.63 32.02
C LEU D 188 -8.02 10.73 31.19
N ASP D 189 -8.61 11.92 31.19
CA ASP D 189 -9.86 12.13 30.45
C ASP D 189 -9.64 11.98 28.96
N GLU D 190 -10.70 11.63 28.24
CA GLU D 190 -10.59 11.36 26.80
C GLU D 190 -9.97 12.52 26.02
N GLN D 191 -10.37 13.75 26.32
CA GLN D 191 -9.90 14.90 25.54
C GLN D 191 -8.43 15.23 25.76
N SER D 192 -7.97 15.16 27.01
CA SER D 192 -6.57 15.43 27.32
C SER D 192 -5.70 14.33 26.75
N THR D 193 -6.20 13.10 26.86
CA THR D 193 -5.49 11.95 26.33
C THR D 193 -5.32 12.06 24.82
N TYR D 194 -6.38 12.47 24.13
CA TYR D 194 -6.29 12.65 22.68
C TYR D 194 -5.14 13.59 22.34
N HIS D 195 -5.06 14.72 23.03
CA HIS D 195 -4.10 15.76 22.66
C HIS D 195 -2.65 15.39 22.95
N ILE D 196 -2.41 14.68 24.04
CA ILE D 196 -1.06 14.25 24.37
C ILE D 196 -0.66 13.10 23.46
N LYS D 197 -1.64 12.29 23.10
CA LYS D 197 -1.47 11.24 22.11
C LYS D 197 -0.97 11.81 20.79
N GLN D 198 -1.60 12.91 20.35
CA GLN D 198 -1.20 13.57 19.10
C GLN D 198 0.12 14.30 19.25
N PHE D 199 0.35 14.87 20.43
CA PHE D 199 1.62 15.53 20.69
C PHE D 199 2.77 14.56 20.44
N GLY D 200 2.66 13.37 21.04
CA GLY D 200 3.67 12.34 20.87
C GLY D 200 3.85 11.95 19.42
N HIS D 201 2.74 11.81 18.70
CA HIS D 201 2.80 11.46 17.29
C HIS D 201 3.49 12.53 16.46
N CYS D 202 3.07 13.78 16.64
CA CYS D 202 3.62 14.87 15.85
C CYS D 202 5.07 15.17 16.19
N ILE D 203 5.43 15.00 17.46
CA ILE D 203 6.82 15.21 17.89
C ILE D 203 7.71 14.09 17.32
N GLY D 204 7.18 12.87 17.32
CA GLY D 204 7.89 11.72 16.77
C GLY D 204 8.10 11.83 15.27
N MET D 205 7.04 12.22 14.58
CA MET D 205 7.12 12.48 13.14
C MET D 205 8.19 13.53 12.85
N SER D 206 8.13 14.63 13.60
CA SER D 206 9.09 15.73 13.43
C SER D 206 10.52 15.28 13.71
N TYR D 207 10.70 14.48 14.75
CA TYR D 207 12.03 14.04 15.14
C TYR D 207 12.66 13.09 14.13
N GLN D 208 11.85 12.27 13.48
CA GLN D 208 12.37 11.34 12.49
C GLN D 208 12.78 12.05 11.21
N ILE D 209 12.05 13.10 10.84
CA ILE D 209 12.43 13.89 9.69
C ILE D 209 13.80 14.52 9.96
N ILE D 210 13.96 15.12 11.12
CA ILE D 210 15.26 15.67 11.52
C ILE D 210 16.34 14.59 11.41
N ASP D 211 16.04 13.41 11.93
CA ASP D 211 16.99 12.30 11.86
C ASP D 211 17.39 11.97 10.43
N ASP D 212 16.41 11.97 9.53
CA ASP D 212 16.65 11.75 8.11
C ASP D 212 17.46 12.88 7.49
N ILE D 213 17.24 14.10 7.95
CA ILE D 213 18.03 15.23 7.50
C ILE D 213 19.49 15.05 7.94
N LEU D 214 19.67 14.74 9.22
CA LEU D 214 21.00 14.62 9.82
C LEU D 214 21.85 13.58 9.09
N ASP D 215 21.20 12.57 8.54
CA ASP D 215 21.89 11.50 7.84
C ASP D 215 22.69 12.06 6.65
N TYR D 216 22.25 13.21 6.15
CA TYR D 216 22.88 13.87 5.01
C TYR D 216 23.77 15.04 5.42
N THR D 217 23.33 15.81 6.41
CA THR D 217 23.96 17.08 6.75
C THR D 217 25.05 16.98 7.83
N SER D 218 24.95 15.96 8.68
CA SER D 218 25.89 15.81 9.78
C SER D 218 27.25 15.29 9.33
N ASP D 219 28.07 14.85 10.29
CA ASP D 219 29.39 14.28 9.99
C ASP D 219 29.50 12.89 10.62
N GLU D 220 30.51 12.14 10.20
CA GLU D 220 30.66 10.74 10.62
C GLU D 220 30.88 10.55 12.13
N ALA D 221 31.59 11.48 12.76
CA ALA D 221 31.84 11.39 14.19
C ALA D 221 30.56 11.59 15.01
N THR D 222 29.64 12.39 14.48
CA THR D 222 28.40 12.69 15.20
C THR D 222 27.38 11.56 15.04
N LEU D 223 27.29 11.02 13.83
CA LEU D 223 26.26 10.04 13.50
C LEU D 223 26.55 8.63 14.05
N GLY D 224 27.83 8.27 14.12
CA GLY D 224 28.21 6.91 14.50
C GLY D 224 28.23 6.02 13.27
N LYS D 225 28.23 6.66 12.10
CA LYS D 225 28.23 5.97 10.83
C LYS D 225 28.56 6.98 9.73
N PRO D 226 28.99 6.48 8.57
CA PRO D 226 29.32 7.36 7.45
C PRO D 226 28.13 8.25 7.04
N VAL D 227 28.43 9.44 6.53
CA VAL D 227 27.40 10.32 6.02
C VAL D 227 26.68 9.68 4.85
N GLY D 228 25.36 9.86 4.80
CA GLY D 228 24.55 9.30 3.70
C GLY D 228 24.41 7.80 3.75
N SER D 229 24.48 7.23 4.95
CA SER D 229 24.38 5.78 5.09
C SER D 229 22.95 5.25 4.85
N ASP D 230 21.97 6.13 4.91
CA ASP D 230 20.60 5.76 4.59
C ASP D 230 20.48 5.39 3.13
N ILE D 231 20.88 6.30 2.25
CA ILE D 231 20.75 6.07 0.82
C ILE D 231 21.67 4.94 0.37
N ARG D 232 22.81 4.80 1.05
CA ARG D 232 23.77 3.74 0.73
C ARG D 232 23.20 2.38 1.09
N ASN D 233 22.22 2.38 1.99
CA ASN D 233 21.52 1.15 2.36
C ASN D 233 20.21 1.00 1.61
N GLY D 234 19.95 1.93 0.69
CA GLY D 234 18.79 1.84 -0.19
C GLY D 234 17.52 2.47 0.34
N HIS D 235 17.64 3.28 1.39
CA HIS D 235 16.48 3.94 1.97
C HIS D 235 16.25 5.31 1.35
N ILE D 236 15.15 5.44 0.62
CA ILE D 236 14.76 6.72 0.04
C ILE D 236 13.95 7.52 1.06
N THR D 237 14.50 8.64 1.50
CA THR D 237 13.88 9.49 2.52
C THR D 237 13.49 10.85 1.95
N TYR D 238 12.73 11.62 2.71
CA TYR D 238 12.11 12.84 2.20
C TYR D 238 13.12 13.88 1.68
N PRO D 239 14.26 14.04 2.36
CA PRO D 239 15.28 14.95 1.84
C PRO D 239 15.61 14.68 0.37
N LEU D 240 15.87 13.42 0.03
CA LEU D 240 16.14 13.05 -1.35
C LEU D 240 14.93 13.31 -2.24
N MET D 241 13.74 12.95 -1.74
CA MET D 241 12.50 13.18 -2.47
C MET D 241 12.30 14.66 -2.76
N ALA D 242 12.58 15.49 -1.77
CA ALA D 242 12.43 16.94 -1.92
C ALA D 242 13.43 17.49 -2.93
N ALA D 243 14.66 16.99 -2.87
CA ALA D 243 15.72 17.42 -3.78
C ALA D 243 15.35 17.09 -5.23
N ILE D 244 14.73 15.95 -5.44
CA ILE D 244 14.31 15.54 -6.77
C ILE D 244 13.18 16.44 -7.27
N ALA D 245 12.16 16.63 -6.44
CA ALA D 245 11.07 17.54 -6.78
C ALA D 245 11.60 18.91 -7.17
N ASN D 246 12.54 19.41 -6.38
CA ASN D 246 13.14 20.72 -6.60
C ASN D 246 13.90 20.79 -7.93
N LEU D 247 14.81 19.86 -8.14
CA LEU D 247 15.59 19.80 -9.37
C LEU D 247 14.71 19.58 -10.59
N LYS D 248 13.60 18.88 -10.40
CA LYS D 248 12.68 18.61 -11.49
C LYS D 248 12.02 19.89 -11.96
N GLU D 249 11.69 20.76 -11.02
CA GLU D 249 11.09 22.06 -11.33
C GLU D 249 12.03 22.90 -12.20
N GLN D 250 13.33 22.75 -11.96
CA GLN D 250 14.34 23.43 -12.77
C GLN D 250 14.68 22.63 -14.03
N ASP D 251 13.73 21.81 -14.45
CA ASP D 251 13.87 20.99 -15.66
C ASP D 251 15.16 20.16 -15.68
N ASP D 252 15.52 19.61 -14.53
CA ASP D 252 16.71 18.81 -14.36
C ASP D 252 16.35 17.41 -13.83
N ASP D 253 16.45 16.40 -14.69
CA ASP D 253 15.99 15.06 -14.35
C ASP D 253 17.12 14.12 -13.92
N LYS D 254 18.33 14.66 -13.85
CA LYS D 254 19.51 13.82 -13.59
C LYS D 254 19.40 13.03 -12.30
N LEU D 255 19.11 13.71 -11.20
CA LEU D 255 19.05 13.03 -9.90
C LEU D 255 17.98 11.95 -9.85
N GLU D 256 16.87 12.19 -10.53
CA GLU D 256 15.79 11.19 -10.57
C GLU D 256 16.18 9.97 -11.38
N ALA D 257 16.92 10.18 -12.46
CA ALA D 257 17.33 9.09 -13.32
C ALA D 257 18.33 8.19 -12.60
N VAL D 258 19.25 8.82 -11.87
CA VAL D 258 20.25 8.10 -11.11
C VAL D 258 19.62 7.23 -10.01
N VAL D 259 18.61 7.77 -9.34
CA VAL D 259 17.95 7.05 -8.26
C VAL D 259 17.05 5.91 -8.74
N LYS D 260 16.44 6.06 -9.92
CA LYS D 260 15.59 5.02 -10.48
C LYS D 260 16.36 3.72 -10.71
N HIS D 261 17.63 3.87 -11.09
CA HIS D 261 18.45 2.73 -11.48
C HIS D 261 19.43 2.37 -10.38
N LEU D 262 19.19 2.90 -9.18
CA LEU D 262 20.02 2.62 -8.03
C LEU D 262 19.76 1.22 -7.48
N THR D 263 20.83 0.46 -7.29
CA THR D 263 20.77 -0.88 -6.70
C THR D 263 21.91 -1.09 -5.72
N SER D 264 21.96 -2.27 -5.10
CA SER D 264 23.01 -2.60 -4.16
C SER D 264 24.38 -2.70 -4.82
N THR D 265 24.42 -2.71 -6.15
CA THR D 265 25.70 -2.79 -6.86
C THR D 265 26.16 -1.43 -7.34
N SER D 266 25.51 -0.37 -6.87
CA SER D 266 25.90 0.99 -7.21
C SER D 266 27.18 1.37 -6.46
N ASP D 267 28.10 2.01 -7.16
CA ASP D 267 29.38 2.37 -6.56
C ASP D 267 29.27 3.62 -5.70
N ASP D 268 30.34 3.91 -4.96
CA ASP D 268 30.38 5.05 -4.04
C ASP D 268 30.18 6.40 -4.76
N GLU D 269 30.71 6.52 -5.98
CA GLU D 269 30.61 7.77 -6.73
C GLU D 269 29.15 8.21 -6.90
N VAL D 270 28.28 7.24 -7.18
CA VAL D 270 26.87 7.53 -7.32
C VAL D 270 26.31 8.17 -6.06
N TYR D 271 26.68 7.62 -4.91
CA TYR D 271 26.20 8.10 -3.62
C TYR D 271 26.74 9.46 -3.23
N GLN D 272 27.99 9.74 -3.62
CA GLN D 272 28.60 11.05 -3.32
C GLN D 272 27.94 12.16 -4.12
N TYR D 273 27.54 11.83 -5.35
CA TYR D 273 26.77 12.76 -6.16
C TYR D 273 25.40 12.98 -5.52
N ILE D 274 24.73 11.90 -5.15
CA ILE D 274 23.42 12.00 -4.52
C ILE D 274 23.46 12.81 -3.23
N VAL D 275 24.46 12.54 -2.39
CA VAL D 275 24.59 13.23 -1.11
C VAL D 275 24.73 14.75 -1.29
N SER D 276 25.58 15.16 -2.22
CA SER D 276 25.82 16.58 -2.45
C SER D 276 24.60 17.28 -3.06
N GLN D 277 23.80 16.53 -3.82
CA GLN D 277 22.60 17.09 -4.42
C GLN D 277 21.54 17.31 -3.35
N VAL D 278 21.30 16.29 -2.54
CA VAL D 278 20.35 16.40 -1.44
C VAL D 278 20.79 17.52 -0.51
N LYS D 279 22.09 17.62 -0.31
CA LYS D 279 22.65 18.57 0.64
C LYS D 279 22.31 20.01 0.29
N GLN D 280 22.10 20.29 -1.00
CA GLN D 280 21.89 21.67 -1.44
C GLN D 280 20.52 21.91 -2.10
N TYR D 281 19.67 20.89 -2.17
CA TYR D 281 18.37 21.05 -2.81
C TYR D 281 17.20 20.45 -2.03
N GLY D 282 17.48 19.54 -1.10
CA GLY D 282 16.42 18.82 -0.40
C GLY D 282 16.33 19.07 1.08
N ILE D 283 17.26 19.86 1.62
CA ILE D 283 17.32 20.10 3.05
C ILE D 283 16.24 21.05 3.56
N GLU D 284 16.08 22.19 2.88
CA GLU D 284 15.16 23.21 3.36
C GLU D 284 13.71 22.76 3.33
N PRO D 285 13.29 22.12 2.23
CA PRO D 285 11.93 21.60 2.20
C PRO D 285 11.69 20.63 3.36
N ALA D 286 12.69 19.78 3.63
CA ALA D 286 12.60 18.80 4.70
C ALA D 286 12.52 19.47 6.07
N GLU D 287 13.22 20.58 6.24
CA GLU D 287 13.15 21.35 7.48
C GLU D 287 11.75 21.94 7.63
N LEU D 288 11.18 22.38 6.52
CA LEU D 288 9.84 22.95 6.50
C LEU D 288 8.80 21.94 6.98
N LEU D 289 8.85 20.73 6.44
CA LEU D 289 7.91 19.68 6.80
C LEU D 289 8.06 19.25 8.26
N SER D 290 9.29 19.28 8.75
CA SER D 290 9.57 18.95 10.14
C SER D 290 8.96 20.00 11.06
N ARG D 291 9.07 21.26 10.66
CA ARG D 291 8.49 22.36 11.43
C ARG D 291 6.97 22.26 11.50
N LYS D 292 6.37 21.84 10.40
CA LYS D 292 4.92 21.70 10.33
C LYS D 292 4.42 20.74 11.40
N TYR D 293 5.10 19.60 11.52
CA TYR D 293 4.73 18.58 12.51
C TYR D 293 5.05 19.06 13.92
N GLY D 294 6.09 19.87 14.06
CA GLY D 294 6.46 20.43 15.35
C GLY D 294 5.42 21.41 15.82
N ASP D 295 4.89 22.19 14.89
CA ASP D 295 3.88 23.19 15.21
C ASP D 295 2.54 22.56 15.55
N LYS D 296 2.24 21.43 14.93
CA LYS D 296 1.03 20.69 15.27
C LYS D 296 1.14 20.18 16.70
N ALA D 297 2.30 19.64 17.05
CA ALA D 297 2.54 19.14 18.40
C ALA D 297 2.39 20.26 19.43
N LYS D 298 2.94 21.42 19.09
CA LYS D 298 2.88 22.57 19.98
C LYS D 298 1.43 23.01 20.14
N TYR D 299 0.66 22.91 19.07
CA TYR D 299 -0.76 23.23 19.13
C TYR D 299 -1.50 22.30 20.08
N HIS D 300 -1.26 21.00 19.96
CA HIS D 300 -1.91 20.01 20.83
C HIS D 300 -1.52 20.22 22.30
N LEU D 301 -0.29 20.66 22.50
CA LEU D 301 0.20 20.91 23.85
C LEU D 301 -0.50 22.12 24.44
N SER D 302 -0.88 23.06 23.58
CA SER D 302 -1.56 24.27 24.01
C SER D 302 -3.02 23.98 24.35
N GLN D 303 -3.51 22.81 23.95
CA GLN D 303 -4.89 22.42 24.22
C GLN D 303 -5.06 21.74 25.57
N LEU D 304 -3.95 21.48 26.25
CA LEU D 304 -3.97 20.87 27.58
C LEU D 304 -4.06 21.94 28.66
N GLN D 305 -4.65 21.58 29.79
CA GLN D 305 -4.75 22.50 30.91
C GLN D 305 -3.35 23.00 31.29
N ASP D 306 -3.27 24.28 31.68
CA ASP D 306 -2.01 24.84 32.13
C ASP D 306 -1.55 24.16 33.42
N SER D 307 -0.25 23.86 33.50
CA SER D 307 0.31 23.13 34.64
C SER D 307 1.82 23.10 34.52
N ASN D 308 2.49 22.62 35.57
CA ASN D 308 3.94 22.49 35.51
C ASN D 308 4.33 21.36 34.56
N ILE D 309 3.52 20.31 34.53
CA ILE D 309 3.73 19.19 33.62
C ILE D 309 3.73 19.68 32.18
N LYS D 310 2.77 20.54 31.85
CA LYS D 310 2.70 21.14 30.55
C LYS D 310 4.00 21.88 30.23
N ASP D 311 4.45 22.72 31.15
CA ASP D 311 5.68 23.49 30.95
C ASP D 311 6.86 22.60 30.61
N TYR D 312 6.96 21.46 31.29
CA TYR D 312 8.06 20.54 31.05
C TYR D 312 8.03 20.03 29.62
N LEU D 313 6.85 19.62 29.18
CA LEU D 313 6.65 19.12 27.82
C LEU D 313 7.14 20.12 26.78
N GLU D 314 6.80 21.39 26.97
CA GLU D 314 7.24 22.43 26.05
C GLU D 314 8.76 22.49 25.96
N GLU D 315 9.43 22.24 27.08
CA GLU D 315 10.88 22.27 27.12
C GLU D 315 11.46 21.07 26.37
N ILE D 316 10.83 19.92 26.53
CA ILE D 316 11.25 18.73 25.81
C ILE D 316 11.03 18.89 24.32
N HIS D 317 9.97 19.62 23.96
CA HIS D 317 9.70 19.93 22.56
C HIS D 317 10.86 20.75 21.99
N GLU D 318 11.35 21.72 22.76
CA GLU D 318 12.46 22.55 22.32
C GLU D 318 13.77 21.76 22.23
N LYS D 319 14.00 20.88 23.19
CA LYS D 319 15.25 20.13 23.23
C LYS D 319 15.36 19.13 22.07
N MET D 320 14.26 18.46 21.77
CA MET D 320 14.26 17.43 20.73
C MET D 320 14.22 18.00 19.31
N LEU D 321 13.67 19.20 19.17
CA LEU D 321 13.46 19.78 17.85
C LEU D 321 14.27 21.05 17.60
N LYS D 322 15.35 21.23 18.35
CA LYS D 322 16.19 22.42 18.18
C LYS D 322 16.68 22.60 16.74
N ARG D 323 16.94 21.48 16.07
CA ARG D 323 17.52 21.50 14.72
C ARG D 323 16.73 22.34 13.72
N VAL D 324 15.41 22.43 13.90
CA VAL D 324 14.57 23.13 12.93
C VAL D 324 13.95 24.41 13.46
N TYR D 325 14.57 25.00 14.49
CA TYR D 325 14.11 26.26 15.05
C TYR D 325 15.27 27.23 15.29
MG MG E . -0.84 -2.07 -23.22
MG MG F . -0.91 -0.70 -19.72
MG MG G . -0.93 -8.59 -20.52
C1 2DE H . -4.84 -3.72 -19.75
O1 2DE H . -3.50 -3.27 -19.56
C2 2DE H . -5.74 -2.53 -19.97
C3 2DE H . -5.98 -1.70 -18.96
C5 2DE H . -6.88 -0.50 -19.16
C6 2DE H . -6.03 0.76 -19.33
C7 2DE H . -6.57 1.85 -18.44
C8 2DE H . -6.43 3.14 -18.73
C9 2DE H . -6.99 4.19 -17.79
PA 2DE H . -2.27 -4.10 -20.19
PB 2DE H . -2.38 -5.24 -22.77
C10 2DE H . -5.72 3.56 -19.99
C11 2DE H . -7.76 5.22 -18.59
C12 2DE H . -9.23 4.84 -18.63
C13 2DE H . -10.07 5.47 -19.46
C14 2DE H . -9.54 6.55 -20.36
C15 2DE H . -11.51 5.10 -19.50
O1A 2DE H . -1.76 -5.06 -19.15
O1B 2DE H . -1.12 -6.02 -22.49
O2A 2DE H . -1.33 -3.11 -20.85
O2B 2DE H . -3.47 -6.04 -23.47
O3A 2DE H . -3.03 -4.95 -21.32
O3B 2DE H . -2.15 -3.86 -23.35
CL CL I . 16.93 -5.79 -0.35
MG MG J . 20.07 0.16 12.44
MG MG K . 16.82 -0.60 10.90
MG MG L . 18.81 7.61 10.88
C1 2DE M . 15.94 2.09 14.08
O1 2DE M . 15.88 2.06 12.65
C2 2DE M . 15.21 0.91 14.69
C3 2DE M . 13.87 0.88 14.73
C5 2DE M . 13.13 -0.28 15.36
C6 2DE M . 13.48 -1.59 14.66
C7 2DE M . 12.29 -2.52 14.71
C8 2DE M . 12.42 -3.82 15.03
C9 2DE M . 11.21 -4.71 15.07
PA 2DE M . 17.23 2.19 11.79
PB 2DE M . 19.21 3.21 13.48
C10 2DE M . 13.78 -4.39 15.36
C11 2DE M . 11.16 -5.46 16.39
C12 2DE M . 10.47 -4.59 17.41
C13 2DE M . 9.93 -5.13 18.51
C14 2DE M . 9.25 -4.23 19.50
C15 2DE M . 10.01 -6.61 18.75
O1A 2DE M . 16.87 2.63 10.38
O1B 2DE M . 19.63 1.77 13.28
O2A 2DE M . 18.04 0.94 12.01
O2B 2DE M . 18.63 3.51 14.84
O3A 2DE M . 17.96 3.43 12.50
O3B 2DE M . 20.22 4.22 13.00
#